data_2BR8
#
_entry.id   2BR8
#
_cell.length_a   67.473
_cell.length_b   80.085
_cell.length_c   134.043
_cell.angle_alpha   90.00
_cell.angle_beta   93.20
_cell.angle_gamma   90.00
#
_symmetry.space_group_name_H-M   'P 1 21 1'
#
loop_
_entity.id
_entity.type
_entity.pdbx_description
1 polymer 'SOLUBLE ACETYLCHOLINE RECEPTOR'
2 polymer 'ALPHA-CONOTOXIN PNIA'
3 non-polymer 'SULFATE ION'
4 water water
#
loop_
_entity_poly.entity_id
_entity_poly.type
_entity_poly.pdbx_seq_one_letter_code
_entity_poly.pdbx_strand_id
1 'polypeptide(L)'
;QANLMRLKSDLFNRSPMYPGPTKDDPLTVTLGFTLQDIVKVDSSTNEVDLVYYEQQRWKLNSLMWDPNEYGNITDFRTSA
ADIWTPDITAYSSTRPVQVLSPQIAVVTHDGSVMFIPAQRLSFMCDPTGVDSEEGVTCAVKFGSWVYSGFEIDLKTDTDQ
VDLSSYYASSKYEILSATQTRQVQHYSCCPEPYIDVNLVVKFRERRAGNGFFRNLFD
;
A,B,C,D,E
2 'polypeptide(L)' GCCSLPPCALNNPKYC(NH2) F,G,H,I,J
#
# COMPACT_ATOMS: atom_id res chain seq x y z
N GLN A 1 23.30 -15.05 18.21
CA GLN A 1 24.77 -15.20 18.43
C GLN A 1 25.33 -16.54 17.91
N ALA A 2 26.21 -17.15 18.71
CA ALA A 2 27.01 -18.33 18.33
C ALA A 2 26.41 -19.27 17.26
N ASN A 3 25.76 -20.33 17.72
CA ASN A 3 25.35 -21.42 16.84
C ASN A 3 24.10 -21.12 16.04
N LEU A 4 23.26 -20.22 16.56
CA LEU A 4 21.95 -19.91 15.97
C LEU A 4 22.05 -19.44 14.53
N MET A 5 22.98 -18.53 14.25
CA MET A 5 23.18 -18.00 12.89
C MET A 5 23.50 -19.11 11.88
N ARG A 6 24.32 -20.07 12.30
CA ARG A 6 24.67 -21.22 11.47
C ARG A 6 23.45 -22.08 11.14
N LEU A 7 22.58 -22.29 12.13
CA LEU A 7 21.39 -23.13 11.99
C LEU A 7 20.40 -22.60 10.95
N LYS A 8 20.06 -21.31 11.09
CA LYS A 8 19.19 -20.62 10.13
C LYS A 8 19.74 -20.70 8.71
N SER A 9 21.05 -20.56 8.59
CA SER A 9 21.76 -20.58 7.30
C SER A 9 21.69 -21.97 6.66
N ASP A 10 21.82 -23.01 7.47
CA ASP A 10 21.75 -24.40 7.00
C ASP A 10 20.35 -24.78 6.55
N LEU A 11 19.35 -24.40 7.33
CA LEU A 11 17.96 -24.76 7.06
C LEU A 11 17.39 -24.04 5.85
N PHE A 12 17.61 -22.73 5.78
CA PHE A 12 17.01 -21.91 4.72
C PHE A 12 17.85 -21.88 3.42
N ASN A 13 19.13 -21.56 3.55
CA ASN A 13 19.97 -21.30 2.39
C ASN A 13 20.57 -22.53 1.72
N ARG A 14 20.31 -23.70 2.31
CA ARG A 14 20.59 -25.00 1.67
C ARG A 14 19.27 -25.72 1.43
N SER A 15 19.05 -26.13 0.18
CA SER A 15 17.79 -26.70 -0.29
C SER A 15 16.72 -25.60 -0.41
N PRO A 16 15.93 -25.61 -1.48
CA PRO A 16 14.85 -24.63 -1.67
C PRO A 16 13.79 -24.70 -0.56
N MET A 17 12.85 -23.76 -0.58
CA MET A 17 11.76 -23.75 0.39
C MET A 17 10.75 -24.88 0.10
N TYR A 18 10.05 -25.31 1.15
CA TYR A 18 8.98 -26.30 1.05
C TYR A 18 7.99 -25.88 -0.05
N PRO A 19 7.77 -26.77 -1.02
CA PRO A 19 6.87 -26.50 -2.16
C PRO A 19 5.39 -26.67 -1.82
N GLY A 20 5.08 -26.94 -0.56
CA GLY A 20 3.71 -27.24 -0.15
C GLY A 20 3.39 -28.72 -0.17
N PRO A 21 2.26 -29.09 0.44
CA PRO A 21 1.84 -30.48 0.55
C PRO A 21 1.31 -31.08 -0.75
N THR A 22 1.34 -32.41 -0.83
CA THR A 22 0.77 -33.16 -1.95
C THR A 22 -0.10 -34.32 -1.45
N LYS A 23 -0.56 -35.15 -2.38
CA LYS A 23 -1.40 -36.31 -2.00
C LYS A 23 -0.52 -37.37 -1.33
N ASP A 24 0.73 -37.46 -1.76
CA ASP A 24 1.70 -38.38 -1.17
C ASP A 24 2.50 -37.75 -0.05
N ASP A 25 2.38 -36.42 0.09
CA ASP A 25 2.98 -35.72 1.20
C ASP A 25 1.91 -34.88 1.93
N PRO A 26 0.94 -35.55 2.57
CA PRO A 26 -0.18 -34.87 3.20
C PRO A 26 0.26 -34.13 4.45
N LEU A 27 -0.47 -33.07 4.81
CA LEU A 27 -0.09 -32.22 5.93
C LEU A 27 -1.28 -31.87 6.83
N THR A 28 -1.11 -31.98 8.14
CA THR A 28 -2.14 -31.58 9.10
C THR A 28 -1.87 -30.18 9.67
N VAL A 29 -2.81 -29.28 9.46
CA VAL A 29 -2.74 -27.92 10.00
C VAL A 29 -3.78 -27.80 11.11
N THR A 30 -3.32 -27.40 12.30
CA THR A 30 -4.19 -27.23 13.45
C THR A 30 -4.59 -25.77 13.64
N LEU A 31 -5.89 -25.51 13.63
CA LEU A 31 -6.42 -24.17 13.70
C LEU A 31 -7.05 -23.89 15.06
N GLY A 32 -6.95 -22.64 15.52
CA GLY A 32 -7.57 -22.20 16.77
C GLY A 32 -7.69 -20.69 16.86
N PHE A 33 -8.82 -20.19 17.37
CA PHE A 33 -9.11 -18.75 17.39
C PHE A 33 -9.22 -18.18 18.81
N THR A 34 -8.62 -17.01 19.00
CA THR A 34 -8.82 -16.21 20.22
C THR A 34 -9.56 -14.93 19.81
N LEU A 35 -10.87 -14.89 20.05
CA LEU A 35 -11.66 -13.73 19.71
C LEU A 35 -11.38 -12.62 20.72
N GLN A 36 -10.97 -11.46 20.20
CA GLN A 36 -10.58 -10.34 21.04
C GLN A 36 -11.73 -9.34 21.11
N ASP A 37 -12.36 -9.11 19.95
CA ASP A 37 -13.42 -8.12 19.86
C ASP A 37 -14.27 -8.21 18.59
N ILE A 38 -15.57 -7.93 18.74
CA ILE A 38 -16.41 -7.56 17.61
C ILE A 38 -16.40 -6.04 17.54
N VAL A 39 -15.81 -5.51 16.48
CA VAL A 39 -15.53 -4.09 16.39
C VAL A 39 -16.69 -3.27 15.83
N LYS A 40 -17.16 -3.67 14.63
CA LYS A 40 -18.22 -2.96 13.91
C LYS A 40 -19.32 -3.92 13.44
N VAL A 41 -20.55 -3.42 13.42
CA VAL A 41 -21.69 -4.05 12.76
C VAL A 41 -22.27 -3.04 11.76
N ASP A 42 -22.42 -3.44 10.51
CA ASP A 42 -22.99 -2.56 9.49
C ASP A 42 -24.31 -3.07 8.91
N SER A 43 -25.36 -2.28 9.03
CA SER A 43 -26.71 -2.71 8.64
C SER A 43 -27.16 -2.29 7.24
N SER A 44 -26.56 -1.23 6.71
CA SER A 44 -26.81 -0.85 5.32
C SER A 44 -26.18 -1.88 4.39
N THR A 45 -24.95 -2.28 4.70
CA THR A 45 -24.34 -3.44 4.05
C THR A 45 -24.50 -4.53 5.09
N ASN A 46 -24.34 -5.79 4.75
CA ASN A 46 -24.42 -6.78 5.84
C ASN A 46 -23.04 -7.27 6.24
N GLU A 47 -22.32 -6.41 6.96
CA GLU A 47 -20.91 -6.64 7.25
C GLU A 47 -20.59 -6.58 8.74
N VAL A 48 -19.79 -7.54 9.19
CA VAL A 48 -19.32 -7.55 10.57
C VAL A 48 -17.79 -7.64 10.63
N ASP A 49 -17.20 -6.90 11.57
CA ASP A 49 -15.76 -6.78 11.72
C ASP A 49 -15.31 -7.47 12.99
N LEU A 50 -14.32 -8.35 12.88
CA LEU A 50 -13.79 -9.07 14.04
C LEU A 50 -12.30 -8.87 14.20
N VAL A 51 -11.88 -8.81 15.46
CA VAL A 51 -10.47 -8.84 15.80
C VAL A 51 -10.19 -10.10 16.62
N TYR A 52 -9.25 -10.89 16.14
CA TYR A 52 -8.92 -12.15 16.76
C TYR A 52 -7.44 -12.50 16.58
N TYR A 53 -6.98 -13.46 17.36
CA TYR A 53 -5.70 -14.11 17.15
C TYR A 53 -6.06 -15.43 16.53
N GLU A 54 -5.30 -15.82 15.50
CA GLU A 54 -5.46 -17.12 14.84
C GLU A 54 -4.19 -17.94 15.00
N GLN A 55 -4.28 -19.02 15.78
CA GLN A 55 -3.14 -19.92 16.00
C GLN A 55 -3.08 -21.07 14.96
N GLN A 56 -1.94 -21.18 14.27
CA GLN A 56 -1.71 -22.24 13.29
C GLN A 56 -0.53 -23.11 13.67
N ARG A 57 -0.72 -24.43 13.56
CA ARG A 57 0.29 -25.44 13.87
C ARG A 57 0.42 -26.38 12.70
N TRP A 58 1.65 -26.68 12.29
CA TRP A 58 1.93 -27.78 11.37
C TRP A 58 3.30 -28.34 11.65
N LYS A 59 3.70 -29.38 10.92
CA LYS A 59 5.00 -30.00 11.15
C LYS A 59 5.63 -30.41 9.82
N LEU A 60 6.87 -29.97 9.62
CA LEU A 60 7.63 -30.33 8.42
C LEU A 60 8.84 -31.16 8.81
N ASN A 61 9.04 -32.27 8.10
CA ASN A 61 10.23 -33.10 8.29
C ASN A 61 11.51 -32.36 7.87
N SER A 62 11.39 -31.55 6.83
CA SER A 62 12.52 -30.80 6.26
C SER A 62 13.06 -29.70 7.18
N LEU A 63 12.30 -29.33 8.22
CA LEU A 63 12.75 -28.33 9.19
C LEU A 63 13.21 -28.96 10.50
N MET A 64 13.77 -30.16 10.42
CA MET A 64 14.27 -30.87 11.59
C MET A 64 15.78 -30.70 11.74
N TRP A 65 16.25 -30.75 12.99
CA TRP A 65 17.68 -30.77 13.29
C TRP A 65 17.95 -31.46 14.62
N ASP A 66 19.20 -31.92 14.78
CA ASP A 66 19.66 -32.46 16.05
C ASP A 66 20.24 -31.32 16.87
N PRO A 67 19.70 -31.09 18.06
CA PRO A 67 20.23 -30.08 18.99
C PRO A 67 21.75 -30.18 19.20
N ASN A 68 22.27 -31.39 19.37
CA ASN A 68 23.71 -31.61 19.64
C ASN A 68 24.66 -30.97 18.65
N GLU A 69 24.30 -31.03 17.36
CA GLU A 69 25.15 -30.50 16.30
C GLU A 69 25.09 -28.97 16.20
N TYR A 70 24.24 -28.37 17.03
CA TYR A 70 24.03 -26.93 17.06
C TYR A 70 23.98 -26.37 18.49
N GLY A 71 24.93 -26.80 19.33
CA GLY A 71 25.04 -26.32 20.71
C GLY A 71 23.78 -26.48 21.56
N ASN A 72 23.08 -27.60 21.35
CA ASN A 72 21.88 -27.98 22.13
C ASN A 72 20.66 -27.06 21.96
N ILE A 73 20.54 -26.41 20.81
CA ILE A 73 19.39 -25.54 20.50
C ILE A 73 18.13 -26.34 20.18
N THR A 74 17.06 -26.08 20.92
CA THR A 74 15.80 -26.83 20.78
C THR A 74 14.80 -26.16 19.85
N ASP A 75 14.93 -24.85 19.67
CA ASP A 75 13.99 -24.08 18.87
C ASP A 75 14.53 -22.68 18.57
N PHE A 76 13.90 -22.00 17.61
CA PHE A 76 14.20 -20.60 17.29
C PHE A 76 13.01 -19.86 16.70
N ARG A 77 12.98 -18.54 16.86
CA ARG A 77 11.98 -17.67 16.24
C ARG A 77 12.52 -17.19 14.90
N THR A 78 11.64 -17.09 13.90
CA THR A 78 12.00 -16.45 12.65
C THR A 78 10.81 -15.81 11.94
N SER A 79 11.10 -14.79 11.13
CA SER A 79 10.07 -14.13 10.32
C SER A 79 9.32 -15.16 9.50
N ALA A 80 8.00 -15.04 9.44
CA ALA A 80 7.15 -16.03 8.74
C ALA A 80 7.28 -16.00 7.21
N ALA A 81 8.15 -15.13 6.69
CA ALA A 81 8.41 -15.06 5.24
C ALA A 81 9.58 -15.98 4.87
N ASP A 82 10.36 -16.33 5.87
CA ASP A 82 11.46 -17.26 5.73
C ASP A 82 11.01 -18.71 5.51
N ILE A 83 9.72 -18.97 5.67
CA ILE A 83 9.18 -20.33 5.72
C ILE A 83 7.85 -20.44 4.99
N TRP A 84 7.56 -21.65 4.52
CA TRP A 84 6.26 -21.96 3.96
C TRP A 84 5.18 -21.87 5.05
N THR A 85 4.09 -21.15 4.78
CA THR A 85 2.94 -21.09 5.69
C THR A 85 1.68 -21.51 4.95
N PRO A 86 0.69 -22.04 5.66
CA PRO A 86 -0.50 -22.56 5.00
C PRO A 86 -1.35 -21.44 4.39
N ASP A 87 -2.07 -21.79 3.33
CA ASP A 87 -2.90 -20.81 2.65
C ASP A 87 -4.34 -20.83 3.19
N ILE A 88 -4.48 -20.74 4.52
CA ILE A 88 -5.80 -20.79 5.16
C ILE A 88 -6.51 -19.43 5.07
N THR A 89 -7.65 -19.42 4.38
CA THR A 89 -8.41 -18.20 4.12
C THR A 89 -9.86 -18.29 4.64
N ALA A 90 -10.40 -17.16 5.06
CA ALA A 90 -11.83 -16.97 5.30
C ALA A 90 -12.57 -17.02 3.97
N TYR A 91 -13.69 -17.74 3.94
CA TYR A 91 -14.39 -17.95 2.68
C TYR A 91 -15.46 -16.91 2.37
N SER A 92 -15.77 -16.02 3.33
CA SER A 92 -16.82 -15.03 3.11
C SER A 92 -16.46 -13.62 3.57
N SER A 93 -15.17 -13.29 3.50
CA SER A 93 -14.71 -11.94 3.79
C SER A 93 -15.25 -10.96 2.75
N THR A 94 -15.17 -9.66 3.05
CA THR A 94 -15.62 -8.63 2.12
C THR A 94 -14.52 -7.62 1.88
N ARG A 95 -13.49 -7.67 2.70
CA ARG A 95 -12.32 -6.82 2.53
C ARG A 95 -11.03 -7.59 2.79
N PRO A 96 -9.92 -7.15 2.20
CA PRO A 96 -8.61 -7.74 2.51
C PRO A 96 -8.42 -7.75 4.03
N VAL A 97 -8.02 -8.91 4.56
CA VAL A 97 -7.84 -9.09 5.99
C VAL A 97 -6.65 -8.23 6.42
N GLN A 98 -6.76 -7.53 7.54
CA GLN A 98 -5.69 -6.65 8.01
C GLN A 98 -4.87 -7.30 9.14
N VAL A 99 -3.55 -7.25 9.00
CA VAL A 99 -2.61 -7.89 9.94
C VAL A 99 -2.20 -6.91 11.05
N LEU A 100 -2.31 -7.38 12.29
CA LEU A 100 -2.21 -6.52 13.48
C LEU A 100 -0.94 -6.79 14.32
N SER A 101 -0.20 -7.82 13.96
CA SER A 101 0.97 -8.25 14.71
C SER A 101 2.17 -8.60 13.81
N PRO A 102 3.37 -8.69 14.41
CA PRO A 102 4.54 -9.15 13.68
C PRO A 102 4.30 -10.55 13.15
N GLN A 103 4.89 -10.86 12.01
CA GLN A 103 4.73 -12.17 11.41
C GLN A 103 5.99 -12.96 11.72
N ILE A 104 6.05 -13.51 12.94
CA ILE A 104 7.18 -14.31 13.39
C ILE A 104 6.68 -15.67 13.91
N ALA A 105 7.29 -16.75 13.42
CA ALA A 105 6.92 -18.09 13.83
C ALA A 105 8.07 -18.74 14.63
N VAL A 106 7.71 -19.74 15.45
CA VAL A 106 8.71 -20.54 16.17
C VAL A 106 8.84 -21.93 15.50
N VAL A 107 10.08 -22.36 15.33
CA VAL A 107 10.42 -23.66 14.76
C VAL A 107 11.15 -24.50 15.81
N THR A 108 10.69 -25.73 16.01
CA THR A 108 11.30 -26.67 16.95
C THR A 108 12.12 -27.73 16.21
N HIS A 109 13.11 -28.32 16.89
CA HIS A 109 13.97 -29.37 16.30
C HIS A 109 13.21 -30.59 15.79
N ASP A 110 12.03 -30.86 16.35
CA ASP A 110 11.19 -31.93 15.83
C ASP A 110 10.43 -31.48 14.58
N GLY A 111 10.74 -30.28 14.10
CA GLY A 111 10.25 -29.81 12.82
C GLY A 111 8.92 -29.09 12.83
N SER A 112 8.29 -28.99 13.99
CA SER A 112 6.96 -28.36 14.09
C SER A 112 7.04 -26.84 14.12
N VAL A 113 6.00 -26.20 13.60
CA VAL A 113 5.97 -24.75 13.48
C VAL A 113 4.71 -24.18 14.12
N MET A 114 4.85 -23.07 14.84
CA MET A 114 3.68 -22.34 15.34
C MET A 114 3.72 -20.83 15.04
N PHE A 115 2.54 -20.30 14.67
CA PHE A 115 2.36 -19.00 14.06
C PHE A 115 1.03 -18.43 14.57
N ILE A 116 1.08 -17.29 15.26
CA ILE A 116 -0.13 -16.69 15.85
C ILE A 116 -0.36 -15.23 15.42
N PRO A 117 -0.87 -15.01 14.21
CA PRO A 117 -1.12 -13.64 13.76
C PRO A 117 -2.41 -13.03 14.35
N ALA A 118 -2.33 -11.78 14.76
CA ALA A 118 -3.51 -11.02 15.14
C ALA A 118 -4.11 -10.39 13.88
N GLN A 119 -5.45 -10.33 13.78
CA GLN A 119 -6.10 -9.93 12.54
C GLN A 119 -7.43 -9.22 12.72
N ARG A 120 -7.71 -8.27 11.83
CA ARG A 120 -9.06 -7.71 11.64
C ARG A 120 -9.69 -8.25 10.36
N LEU A 121 -10.90 -8.81 10.50
CA LEU A 121 -11.69 -9.34 9.39
C LEU A 121 -13.05 -8.65 9.22
N SER A 122 -13.36 -8.22 7.99
CA SER A 122 -14.74 -7.88 7.59
C SER A 122 -15.36 -9.07 6.86
N PHE A 123 -16.54 -9.50 7.30
CA PHE A 123 -17.19 -10.66 6.67
C PHE A 123 -18.72 -10.51 6.56
N MET A 124 -19.30 -11.39 5.76
CA MET A 124 -20.74 -11.36 5.45
C MET A 124 -21.58 -11.81 6.63
N CYS A 125 -22.35 -10.87 7.16
CA CYS A 125 -23.19 -11.12 8.32
C CYS A 125 -24.40 -10.18 8.37
N ASP A 126 -25.60 -10.74 8.28
CA ASP A 126 -26.85 -10.02 8.52
C ASP A 126 -27.04 -9.81 10.03
N PRO A 127 -26.83 -8.58 10.49
CA PRO A 127 -26.78 -8.31 11.93
C PRO A 127 -28.17 -8.17 12.57
N THR A 128 -29.20 -8.05 11.73
CA THR A 128 -30.60 -7.98 12.16
C THR A 128 -30.92 -8.82 13.40
N GLY A 129 -31.48 -8.15 14.42
CA GLY A 129 -31.86 -8.80 15.67
C GLY A 129 -30.74 -8.77 16.70
N VAL A 130 -29.66 -8.05 16.38
CA VAL A 130 -28.50 -7.92 17.28
C VAL A 130 -28.86 -7.16 18.56
N ASP A 131 -29.86 -6.29 18.45
CA ASP A 131 -30.30 -5.43 19.54
C ASP A 131 -31.40 -6.06 20.42
N SER A 132 -31.79 -7.29 20.09
CA SER A 132 -32.76 -8.03 20.90
C SER A 132 -32.07 -8.76 22.06
N GLU A 133 -32.86 -9.52 22.82
CA GLU A 133 -32.37 -10.31 23.95
C GLU A 133 -31.66 -11.58 23.49
N GLU A 134 -32.03 -12.05 22.30
CA GLU A 134 -31.50 -13.28 21.71
C GLU A 134 -30.32 -13.03 20.80
N GLY A 135 -30.12 -11.76 20.42
CA GLY A 135 -29.05 -11.37 19.53
C GLY A 135 -29.14 -12.03 18.17
N VAL A 136 -27.98 -12.28 17.56
CA VAL A 136 -27.90 -12.76 16.19
C VAL A 136 -26.74 -13.75 16.09
N THR A 137 -26.86 -14.70 15.18
CA THR A 137 -25.82 -15.69 14.95
C THR A 137 -25.14 -15.43 13.62
N CYS A 138 -23.82 -15.56 13.60
CA CYS A 138 -23.06 -15.38 12.37
C CYS A 138 -21.95 -16.39 12.18
N ALA A 139 -21.71 -16.72 10.92
CA ALA A 139 -20.74 -17.74 10.60
C ALA A 139 -19.78 -17.30 9.50
N VAL A 140 -18.51 -17.64 9.70
CA VAL A 140 -17.52 -17.58 8.62
C VAL A 140 -16.73 -18.89 8.65
N LYS A 141 -16.51 -19.46 7.47
CA LYS A 141 -15.72 -20.68 7.28
C LYS A 141 -14.29 -20.34 6.90
N PHE A 142 -13.36 -21.13 7.42
CA PHE A 142 -11.95 -20.99 7.09
C PHE A 142 -11.41 -22.29 6.51
N GLY A 143 -10.69 -22.18 5.39
CA GLY A 143 -9.99 -23.32 4.83
C GLY A 143 -8.91 -22.96 3.85
N SER A 144 -8.21 -23.98 3.34
CA SER A 144 -7.26 -23.81 2.25
C SER A 144 -7.95 -23.29 0.99
N TRP A 145 -7.28 -22.37 0.31
CA TRP A 145 -7.78 -21.85 -0.95
C TRP A 145 -7.50 -22.83 -2.09
N VAL A 146 -6.42 -23.60 -1.97
CA VAL A 146 -5.96 -24.40 -3.11
C VAL A 146 -5.78 -25.90 -2.86
N TYR A 147 -5.90 -26.33 -1.61
CA TYR A 147 -5.66 -27.74 -1.25
C TYR A 147 -6.90 -28.44 -0.71
N SER A 148 -7.19 -29.63 -1.24
CA SER A 148 -8.28 -30.46 -0.72
C SER A 148 -7.87 -31.13 0.59
N GLY A 149 -8.83 -31.87 1.18
CA GLY A 149 -8.59 -32.69 2.37
C GLY A 149 -7.54 -33.79 2.23
N PHE A 150 -7.24 -34.19 1.00
CA PHE A 150 -6.17 -35.16 0.74
C PHE A 150 -4.76 -34.55 0.83
N GLU A 151 -4.69 -33.21 0.81
CA GLU A 151 -3.42 -32.50 0.79
C GLU A 151 -3.18 -31.73 2.09
N ILE A 152 -4.20 -31.01 2.55
CA ILE A 152 -4.20 -30.43 3.91
C ILE A 152 -5.40 -30.94 4.72
N ASP A 153 -5.10 -31.80 5.69
CA ASP A 153 -6.04 -32.10 6.75
C ASP A 153 -6.11 -30.90 7.70
N LEU A 154 -7.32 -30.55 8.13
CA LEU A 154 -7.53 -29.36 8.93
C LEU A 154 -8.21 -29.72 10.24
N LYS A 155 -7.61 -29.32 11.36
CA LYS A 155 -8.07 -29.75 12.67
C LYS A 155 -8.16 -28.61 13.70
N THR A 156 -8.78 -28.89 14.84
CA THR A 156 -8.76 -28.05 16.03
C THR A 156 -8.52 -28.95 17.24
N ASP A 157 -8.02 -28.37 18.32
CA ASP A 157 -7.82 -29.12 19.56
C ASP A 157 -9.10 -29.07 20.36
N THR A 158 -9.83 -27.97 20.20
CA THR A 158 -11.09 -27.77 20.90
C THR A 158 -12.12 -27.08 20.00
N ASP A 159 -13.40 -27.27 20.32
CA ASP A 159 -14.50 -26.67 19.55
C ASP A 159 -14.88 -25.29 20.09
N GLN A 160 -14.33 -24.97 21.26
CA GLN A 160 -14.58 -23.68 21.91
C GLN A 160 -13.53 -22.65 21.51
N VAL A 161 -14.00 -21.47 21.17
CA VAL A 161 -13.11 -20.33 20.90
C VAL A 161 -12.64 -19.74 22.24
N ASP A 162 -11.38 -19.33 22.26
CA ASP A 162 -10.79 -18.71 23.44
C ASP A 162 -11.40 -17.32 23.63
N LEU A 163 -12.21 -17.18 24.68
CA LEU A 163 -12.87 -15.91 24.99
C LEU A 163 -12.29 -15.22 26.21
N SER A 164 -11.17 -15.73 26.69
CA SER A 164 -10.58 -15.26 27.95
C SER A 164 -9.92 -13.90 27.83
N SER A 165 -9.67 -13.45 26.60
CA SER A 165 -9.17 -12.10 26.43
C SER A 165 -10.10 -11.24 25.57
N TYR A 166 -11.36 -11.63 25.47
CA TYR A 166 -12.38 -10.83 24.79
C TYR A 166 -12.50 -9.51 25.56
N TYR A 167 -12.48 -8.39 24.82
CA TYR A 167 -12.55 -7.05 25.43
C TYR A 167 -13.77 -6.96 26.32
N ALA A 168 -13.54 -6.68 27.59
CA ALA A 168 -14.59 -6.74 28.59
C ALA A 168 -15.58 -5.57 28.48
N SER A 169 -15.17 -4.51 27.78
CA SER A 169 -15.98 -3.31 27.64
C SER A 169 -16.43 -3.11 26.18
N SER A 170 -16.47 -4.21 25.43
CA SER A 170 -16.91 -4.22 24.04
C SER A 170 -18.36 -3.75 23.92
N LYS A 171 -18.71 -3.26 22.74
CA LYS A 171 -20.11 -2.93 22.43
C LYS A 171 -20.98 -4.17 22.47
N TYR A 172 -20.42 -5.29 22.01
CA TYR A 172 -21.16 -6.53 21.84
C TYR A 172 -20.70 -7.60 22.81
N GLU A 173 -21.67 -8.16 23.55
CA GLU A 173 -21.45 -9.31 24.44
C GLU A 173 -21.54 -10.63 23.67
N ILE A 174 -20.64 -11.56 23.96
CA ILE A 174 -20.62 -12.86 23.29
C ILE A 174 -21.52 -13.85 23.99
N LEU A 175 -22.47 -14.42 23.25
CA LEU A 175 -23.36 -15.46 23.79
C LEU A 175 -22.79 -16.86 23.56
N SER A 176 -22.10 -17.04 22.45
CA SER A 176 -21.33 -18.26 22.18
C SER A 176 -20.41 -18.06 20.99
N ALA A 177 -19.26 -18.72 21.05
CA ALA A 177 -18.29 -18.72 19.97
C ALA A 177 -17.73 -20.13 19.83
N THR A 178 -18.04 -20.77 18.69
CA THR A 178 -17.60 -22.13 18.43
C THR A 178 -16.70 -22.22 17.17
N GLN A 179 -15.76 -23.16 17.16
CA GLN A 179 -14.88 -23.35 16.00
C GLN A 179 -14.84 -24.83 15.61
N THR A 180 -15.71 -25.21 14.66
CA THR A 180 -15.94 -26.62 14.40
C THR A 180 -15.58 -27.08 12.99
N ARG A 181 -14.71 -28.09 12.94
CA ARG A 181 -14.20 -28.68 11.71
C ARG A 181 -15.30 -29.38 10.90
N GLN A 182 -15.36 -29.09 9.61
CA GLN A 182 -16.41 -29.63 8.74
C GLN A 182 -15.82 -30.29 7.51
N VAL A 183 -16.24 -31.54 7.28
CA VAL A 183 -15.82 -32.33 6.14
C VAL A 183 -17.01 -32.48 5.22
N GLN A 184 -16.78 -32.38 3.91
CA GLN A 184 -17.82 -32.77 2.96
C GLN A 184 -17.33 -33.23 1.60
N HIS A 185 -18.21 -33.94 0.88
CA HIS A 185 -17.91 -34.42 -0.46
C HIS A 185 -18.96 -33.91 -1.47
N TYR A 186 -18.52 -33.72 -2.71
CA TYR A 186 -19.44 -33.43 -3.80
C TYR A 186 -19.64 -34.70 -4.62
N SER A 187 -20.78 -34.80 -5.29
CA SER A 187 -21.13 -36.01 -6.01
C SER A 187 -20.16 -36.29 -7.16
N CYS A 188 -19.61 -35.21 -7.71
CA CYS A 188 -18.69 -35.26 -8.85
C CYS A 188 -17.34 -35.86 -8.51
N CYS A 189 -16.91 -35.67 -7.27
CA CYS A 189 -15.50 -35.69 -6.93
C CYS A 189 -15.16 -36.53 -5.67
N PRO A 190 -14.07 -37.30 -5.74
CA PRO A 190 -13.73 -38.27 -4.69
C PRO A 190 -13.05 -37.69 -3.44
N GLU A 191 -12.43 -36.52 -3.55
CA GLU A 191 -11.68 -35.96 -2.43
C GLU A 191 -12.57 -35.16 -1.46
N PRO A 192 -12.28 -35.25 -0.16
CA PRO A 192 -12.98 -34.46 0.86
C PRO A 192 -12.57 -32.98 0.90
N TYR A 193 -13.50 -32.12 1.28
CA TYR A 193 -13.21 -30.71 1.48
C TYR A 193 -13.50 -30.33 2.91
N ILE A 194 -12.48 -29.71 3.53
CA ILE A 194 -12.45 -29.47 4.96
C ILE A 194 -12.42 -27.99 5.25
N ASP A 195 -13.26 -27.57 6.19
CA ASP A 195 -13.19 -26.22 6.71
C ASP A 195 -13.40 -26.20 8.22
N VAL A 196 -13.17 -25.03 8.81
CA VAL A 196 -13.49 -24.80 10.21
C VAL A 196 -14.47 -23.65 10.21
N ASN A 197 -15.62 -23.91 10.81
CA ASN A 197 -16.70 -22.95 10.84
C ASN A 197 -16.71 -22.18 12.15
N LEU A 198 -16.53 -20.87 12.05
CA LEU A 198 -16.50 -19.98 13.19
C LEU A 198 -17.88 -19.36 13.35
N VAL A 199 -18.60 -19.84 14.35
CA VAL A 199 -19.98 -19.43 14.57
C VAL A 199 -20.06 -18.63 15.86
N VAL A 200 -20.35 -17.34 15.74
CA VAL A 200 -20.57 -16.51 16.92
C VAL A 200 -22.01 -15.97 17.02
N LYS A 201 -22.60 -16.22 18.19
CA LYS A 201 -23.86 -15.64 18.57
C LYS A 201 -23.52 -14.48 19.51
N PHE A 202 -24.09 -13.30 19.26
CA PHE A 202 -23.78 -12.12 20.04
C PHE A 202 -24.94 -11.12 20.05
N ARG A 203 -24.88 -10.17 20.97
CA ARG A 203 -25.90 -9.17 21.11
C ARG A 203 -25.28 -7.88 21.63
N GLU A 204 -25.99 -6.78 21.42
CA GLU A 204 -25.59 -5.50 21.99
C GLU A 204 -25.63 -5.57 23.51
N ARG A 205 -24.66 -4.94 24.16
CA ARG A 205 -24.63 -4.78 25.61
C ARG A 205 -25.87 -4.04 26.12
N GLN B 1 8.76 -37.69 -4.02
CA GLN B 1 9.21 -36.65 -3.04
C GLN B 1 10.39 -35.86 -3.61
N ALA B 2 10.46 -34.56 -3.24
CA ALA B 2 11.52 -33.62 -3.66
C ALA B 2 11.69 -33.47 -5.19
N ASN B 3 10.83 -34.16 -5.94
CA ASN B 3 10.82 -34.10 -7.41
C ASN B 3 10.28 -32.76 -7.89
N LEU B 4 9.43 -32.16 -7.06
CA LEU B 4 8.74 -30.92 -7.39
C LEU B 4 9.67 -29.73 -7.32
N MET B 5 10.63 -29.77 -6.39
CA MET B 5 11.62 -28.70 -6.25
C MET B 5 12.47 -28.58 -7.51
N ARG B 6 12.64 -29.70 -8.21
CA ARG B 6 13.40 -29.72 -9.47
C ARG B 6 12.59 -29.17 -10.63
N LEU B 7 11.36 -29.67 -10.80
CA LEU B 7 10.45 -29.24 -11.87
C LEU B 7 10.19 -27.73 -11.86
N LYS B 8 9.85 -27.23 -10.67
CA LYS B 8 9.66 -25.79 -10.45
C LYS B 8 10.88 -25.01 -10.89
N SER B 9 12.07 -25.47 -10.49
CA SER B 9 13.34 -24.86 -10.88
C SER B 9 13.58 -24.97 -12.39
N ASP B 10 13.26 -26.13 -12.96
CA ASP B 10 13.41 -26.35 -14.40
C ASP B 10 12.43 -25.52 -15.24
N LEU B 11 11.26 -25.23 -14.70
CA LEU B 11 10.30 -24.38 -15.40
C LEU B 11 10.64 -22.90 -15.22
N PHE B 12 10.81 -22.47 -13.98
CA PHE B 12 11.06 -21.06 -13.68
C PHE B 12 12.55 -20.66 -13.69
N ASN B 13 13.36 -21.40 -14.44
CA ASN B 13 14.76 -21.01 -14.69
C ASN B 13 15.26 -21.26 -16.12
N ARG B 14 14.34 -21.28 -17.07
CA ARG B 14 14.69 -21.28 -18.49
C ARG B 14 14.23 -19.97 -19.14
N SER B 15 15.11 -19.40 -19.97
CA SER B 15 14.95 -18.07 -20.62
C SER B 15 13.49 -17.63 -20.80
N PRO B 16 12.68 -18.48 -21.46
CA PRO B 16 11.24 -18.23 -21.55
C PRO B 16 10.53 -17.88 -20.23
N MET B 17 10.50 -16.60 -19.90
CA MET B 17 9.38 -16.04 -19.17
C MET B 17 8.44 -15.55 -20.27
N TYR B 18 7.25 -16.14 -20.35
CA TYR B 18 6.35 -15.92 -21.49
C TYR B 18 6.04 -14.45 -21.73
N PRO B 19 6.30 -13.99 -22.95
CA PRO B 19 6.13 -12.58 -23.34
C PRO B 19 4.69 -12.14 -23.67
N GLY B 20 3.71 -13.03 -23.50
CA GLY B 20 2.33 -12.73 -23.83
C GLY B 20 2.03 -13.17 -25.25
N PRO B 21 0.74 -13.18 -25.62
CA PRO B 21 0.33 -13.64 -26.96
C PRO B 21 0.66 -12.67 -28.10
N THR B 22 0.57 -13.15 -29.35
CA THR B 22 0.72 -12.34 -30.55
C THR B 22 -0.31 -12.80 -31.60
N LYS B 23 -0.56 -11.95 -32.60
CA LYS B 23 -1.45 -12.29 -33.71
C LYS B 23 -1.05 -13.62 -34.36
N ASP B 24 0.25 -13.94 -34.34
CA ASP B 24 0.74 -15.25 -34.80
C ASP B 24 0.57 -16.38 -33.79
N ASP B 25 0.60 -16.04 -32.52
CA ASP B 25 0.48 -17.01 -31.44
C ASP B 25 -0.67 -16.63 -30.48
N PRO B 26 -1.93 -16.69 -30.95
CA PRO B 26 -3.07 -16.24 -30.14
C PRO B 26 -3.37 -17.16 -28.97
N LEU B 27 -4.00 -16.60 -27.94
CA LEU B 27 -4.26 -17.31 -26.71
C LEU B 27 -5.75 -17.29 -26.37
N THR B 28 -6.25 -18.41 -25.88
CA THR B 28 -7.64 -18.48 -25.43
C THR B 28 -7.69 -18.44 -23.89
N VAL B 29 -8.51 -17.53 -23.37
CA VAL B 29 -8.71 -17.37 -21.95
C VAL B 29 -10.19 -17.65 -21.64
N THR B 30 -10.44 -18.52 -20.67
CA THR B 30 -11.78 -18.87 -20.31
C THR B 30 -12.16 -18.08 -19.05
N LEU B 31 -13.40 -17.60 -19.00
CA LEU B 31 -13.81 -16.69 -17.95
C LEU B 31 -15.16 -17.11 -17.36
N GLY B 32 -15.21 -17.18 -16.03
CA GLY B 32 -16.41 -17.63 -15.35
C GLY B 32 -16.46 -16.95 -14.00
N PHE B 33 -17.66 -16.58 -13.54
CA PHE B 33 -17.79 -15.84 -12.29
C PHE B 33 -18.68 -16.53 -11.26
N THR B 34 -18.34 -16.35 -10.00
CA THR B 34 -19.12 -16.89 -8.91
C THR B 34 -19.50 -15.71 -8.06
N LEU B 35 -20.79 -15.38 -8.07
CA LEU B 35 -21.35 -14.26 -7.33
C LEU B 35 -21.48 -14.66 -5.88
N GLN B 36 -20.82 -13.90 -5.00
CA GLN B 36 -20.88 -14.18 -3.58
C GLN B 36 -21.83 -13.20 -2.88
N ASP B 37 -21.71 -11.91 -3.22
CA ASP B 37 -22.45 -10.88 -2.53
C ASP B 37 -22.46 -9.57 -3.34
N ILE B 38 -23.64 -8.97 -3.48
CA ILE B 38 -23.69 -7.54 -3.74
C ILE B 38 -23.62 -6.90 -2.37
N VAL B 39 -22.50 -6.24 -2.08
CA VAL B 39 -22.23 -5.73 -0.74
C VAL B 39 -22.87 -4.36 -0.52
N LYS B 40 -22.79 -3.50 -1.52
CA LYS B 40 -23.15 -2.10 -1.38
C LYS B 40 -23.75 -1.49 -2.65
N VAL B 41 -24.72 -0.61 -2.43
CA VAL B 41 -25.31 0.23 -3.47
C VAL B 41 -25.15 1.67 -3.00
N ASP B 42 -24.76 2.56 -3.90
CA ASP B 42 -24.58 3.96 -3.58
C ASP B 42 -25.31 4.78 -4.64
N SER B 43 -26.43 5.41 -4.26
CA SER B 43 -27.31 6.09 -5.22
C SER B 43 -26.91 7.53 -5.49
N SER B 44 -26.10 8.10 -4.61
CA SER B 44 -25.64 9.48 -4.75
C SER B 44 -24.49 9.58 -5.73
N THR B 45 -23.61 8.58 -5.72
CA THR B 45 -22.72 8.31 -6.86
C THR B 45 -23.51 7.23 -7.58
N ASN B 46 -23.07 6.69 -8.70
CA ASN B 46 -23.78 5.50 -9.17
C ASN B 46 -22.84 4.27 -9.18
N GLU B 47 -22.55 3.79 -7.97
CA GLU B 47 -21.61 2.68 -7.80
C GLU B 47 -22.24 1.52 -7.08
N VAL B 48 -21.83 0.32 -7.49
CA VAL B 48 -22.17 -0.93 -6.80
C VAL B 48 -20.90 -1.77 -6.50
N ASP B 49 -20.90 -2.44 -5.35
CA ASP B 49 -19.77 -3.29 -4.93
C ASP B 49 -20.16 -4.76 -5.00
N LEU B 50 -19.33 -5.57 -5.66
CA LEU B 50 -19.56 -7.00 -5.78
C LEU B 50 -18.44 -7.81 -5.21
N VAL B 51 -18.75 -8.89 -4.51
CA VAL B 51 -17.76 -9.87 -4.15
C VAL B 51 -17.94 -11.12 -5.02
N TYR B 52 -16.87 -11.52 -5.70
CA TYR B 52 -16.95 -12.63 -6.62
C TYR B 52 -15.63 -13.36 -6.78
N TYR B 53 -15.73 -14.61 -7.20
CA TYR B 53 -14.58 -15.38 -7.57
C TYR B 53 -14.54 -15.35 -9.07
N GLU B 54 -13.35 -15.08 -9.60
CA GLU B 54 -13.15 -15.03 -11.04
C GLU B 54 -12.25 -16.20 -11.43
N GLN B 55 -12.84 -17.20 -12.08
CA GLN B 55 -12.10 -18.34 -12.56
C GLN B 55 -11.52 -18.01 -13.94
N GLN B 56 -10.18 -17.95 -14.02
CA GLN B 56 -9.45 -17.78 -15.28
C GLN B 56 -8.72 -19.07 -15.65
N ARG B 57 -8.78 -19.43 -16.94
CA ARG B 57 -8.09 -20.63 -17.44
C ARG B 57 -7.44 -20.36 -18.81
N TRP B 58 -6.21 -20.87 -19.00
CA TRP B 58 -5.47 -20.77 -20.27
C TRP B 58 -4.41 -21.86 -20.35
N LYS B 59 -3.69 -21.92 -21.47
CA LYS B 59 -2.76 -23.01 -21.78
C LYS B 59 -1.54 -22.51 -22.53
N LEU B 60 -0.35 -22.79 -22.01
CA LEU B 60 0.91 -22.43 -22.69
C LEU B 60 1.80 -23.65 -22.97
N ASN B 61 2.33 -23.71 -24.19
CA ASN B 61 3.33 -24.72 -24.57
C ASN B 61 4.54 -24.67 -23.67
N SER B 62 4.88 -23.47 -23.22
CA SER B 62 6.03 -23.20 -22.37
C SER B 62 5.93 -23.82 -20.97
N LEU B 63 4.78 -24.37 -20.63
CA LEU B 63 4.56 -24.96 -19.31
C LEU B 63 4.22 -26.44 -19.37
N MET B 64 4.53 -27.08 -20.48
CA MET B 64 4.34 -28.51 -20.62
C MET B 64 5.52 -29.29 -20.07
N TRP B 65 5.24 -30.45 -19.47
CA TRP B 65 6.30 -31.39 -19.09
C TRP B 65 5.81 -32.83 -19.17
N ASP B 66 6.75 -33.76 -19.09
CA ASP B 66 6.44 -35.17 -19.02
C ASP B 66 6.56 -35.62 -17.56
N PRO B 67 5.46 -36.14 -17.00
CA PRO B 67 5.46 -36.71 -15.65
C PRO B 67 6.49 -37.81 -15.43
N ASN B 68 6.70 -38.65 -16.45
CA ASN B 68 7.67 -39.75 -16.39
C ASN B 68 9.11 -39.35 -16.11
N GLU B 69 9.41 -38.07 -16.36
CA GLU B 69 10.73 -37.50 -16.09
C GLU B 69 10.75 -36.85 -14.71
N TYR B 70 9.58 -36.58 -14.16
CA TYR B 70 9.48 -35.84 -12.92
C TYR B 70 8.70 -36.58 -11.82
N GLY B 71 9.06 -37.84 -11.60
CA GLY B 71 8.46 -38.67 -10.55
C GLY B 71 6.96 -38.83 -10.67
N ASN B 72 6.49 -38.86 -11.92
CA ASN B 72 5.05 -38.96 -12.25
C ASN B 72 4.18 -37.82 -11.72
N ILE B 73 4.73 -36.61 -11.71
CA ILE B 73 3.99 -35.41 -11.28
C ILE B 73 3.16 -34.83 -12.43
N THR B 74 1.86 -34.76 -12.20
CA THR B 74 0.93 -34.31 -13.24
C THR B 74 0.56 -32.83 -13.13
N ASP B 75 0.81 -32.23 -11.97
CA ASP B 75 0.45 -30.84 -11.70
C ASP B 75 1.09 -30.31 -10.43
N PHE B 76 1.16 -28.99 -10.29
CA PHE B 76 1.59 -28.38 -9.04
C PHE B 76 0.93 -27.03 -8.79
N ARG B 77 0.89 -26.62 -7.52
CA ARG B 77 0.43 -25.29 -7.15
C ARG B 77 1.64 -24.38 -7.05
N THR B 78 1.45 -23.12 -7.44
CA THR B 78 2.53 -22.15 -7.43
C THR B 78 1.96 -20.75 -7.28
N SER B 79 2.76 -19.85 -6.73
CA SER B 79 2.38 -18.45 -6.63
C SER B 79 2.17 -17.89 -8.04
N ALA B 80 1.09 -17.11 -8.20
CA ALA B 80 0.74 -16.53 -9.49
C ALA B 80 1.74 -15.48 -9.99
N ALA B 81 2.70 -15.11 -9.15
CA ALA B 81 3.75 -14.18 -9.56
C ALA B 81 4.88 -14.94 -10.24
N ASP B 82 4.88 -16.26 -10.11
CA ASP B 82 5.89 -17.12 -10.72
C ASP B 82 5.60 -17.33 -12.19
N ILE B 83 4.43 -16.86 -12.63
CA ILE B 83 3.96 -17.07 -13.99
C ILE B 83 3.29 -15.84 -14.60
N TRP B 84 3.23 -15.84 -15.93
CA TRP B 84 2.45 -14.85 -16.68
C TRP B 84 0.96 -15.07 -16.41
N THR B 85 0.21 -13.98 -16.33
CA THR B 85 -1.24 -14.05 -16.24
C THR B 85 -1.81 -13.02 -17.19
N PRO B 86 -2.99 -13.28 -17.76
CA PRO B 86 -3.59 -12.37 -18.74
C PRO B 86 -4.05 -11.05 -18.11
N ASP B 87 -4.21 -10.03 -18.94
CA ASP B 87 -4.56 -8.69 -18.47
C ASP B 87 -6.08 -8.45 -18.50
N ILE B 88 -6.85 -9.43 -18.05
CA ILE B 88 -8.31 -9.34 -18.04
C ILE B 88 -8.76 -8.28 -17.04
N THR B 89 -9.58 -7.33 -17.49
CA THR B 89 -9.97 -6.17 -16.69
C THR B 89 -11.47 -5.90 -16.73
N ALA B 90 -11.99 -5.42 -15.62
CA ALA B 90 -13.31 -4.78 -15.61
C ALA B 90 -13.20 -3.39 -16.25
N TYR B 91 -13.91 -3.21 -17.36
CA TYR B 91 -13.89 -1.99 -18.15
C TYR B 91 -14.68 -0.82 -17.56
N SER B 92 -15.47 -1.06 -16.51
CA SER B 92 -16.31 0.00 -15.92
C SER B 92 -16.13 0.12 -14.41
N SER B 93 -14.98 -0.32 -13.90
CA SER B 93 -14.70 -0.17 -12.47
C SER B 93 -14.60 1.31 -12.09
N THR B 94 -14.57 1.59 -10.80
CA THR B 94 -14.41 2.98 -10.37
C THR B 94 -13.36 3.11 -9.28
N ARG B 95 -12.82 1.97 -8.86
CA ARG B 95 -11.79 1.88 -7.81
C ARG B 95 -10.87 0.71 -8.13
N PRO B 96 -9.61 0.75 -7.65
CA PRO B 96 -8.74 -0.41 -7.79
C PRO B 96 -9.37 -1.62 -7.12
N VAL B 97 -9.38 -2.76 -7.82
CA VAL B 97 -9.97 -3.99 -7.27
C VAL B 97 -9.23 -4.42 -5.99
N GLN B 98 -9.94 -5.05 -5.07
CA GLN B 98 -9.29 -5.58 -3.87
C GLN B 98 -9.23 -7.12 -3.95
N VAL B 99 -8.05 -7.66 -3.74
CA VAL B 99 -7.84 -9.11 -3.74
C VAL B 99 -8.15 -9.69 -2.37
N LEU B 100 -9.02 -10.68 -2.33
CA LEU B 100 -9.53 -11.21 -1.06
C LEU B 100 -8.88 -12.52 -0.67
N SER B 101 -8.33 -13.21 -1.65
CA SER B 101 -7.84 -14.57 -1.46
C SER B 101 -6.33 -14.59 -1.70
N PRO B 102 -5.66 -15.70 -1.35
CA PRO B 102 -4.29 -15.91 -1.80
C PRO B 102 -4.30 -15.92 -3.32
N GLN B 103 -3.12 -15.84 -3.92
CA GLN B 103 -3.01 -15.84 -5.36
C GLN B 103 -2.06 -16.95 -5.79
N ILE B 104 -2.65 -18.13 -5.91
CA ILE B 104 -1.93 -19.35 -6.20
C ILE B 104 -2.65 -20.04 -7.34
N ALA B 105 -1.90 -20.51 -8.35
CA ALA B 105 -2.48 -21.20 -9.50
C ALA B 105 -2.09 -22.66 -9.50
N VAL B 106 -2.85 -23.48 -10.23
CA VAL B 106 -2.41 -24.83 -10.56
C VAL B 106 -1.99 -24.93 -12.03
N VAL B 107 -0.76 -25.37 -12.24
CA VAL B 107 -0.22 -25.67 -13.56
C VAL B 107 -0.25 -27.18 -13.76
N THR B 108 -0.59 -27.60 -14.97
CA THR B 108 -0.72 -29.02 -15.30
C THR B 108 0.24 -29.35 -16.45
N HIS B 109 0.65 -30.62 -16.55
CA HIS B 109 1.71 -31.03 -17.48
C HIS B 109 1.41 -30.76 -18.96
N ASP B 110 0.14 -30.57 -19.28
CA ASP B 110 -0.28 -30.22 -20.62
C ASP B 110 -0.16 -28.71 -20.85
N GLY B 111 0.43 -28.03 -19.86
CA GLY B 111 0.64 -26.60 -19.92
C GLY B 111 -0.58 -25.76 -19.61
N SER B 112 -1.65 -26.38 -19.12
CA SER B 112 -2.86 -25.62 -18.77
C SER B 112 -2.76 -25.03 -17.37
N VAL B 113 -3.27 -23.80 -17.23
CA VAL B 113 -3.25 -23.07 -15.95
C VAL B 113 -4.67 -22.72 -15.51
N MET B 114 -4.95 -22.88 -14.21
CA MET B 114 -6.17 -22.36 -13.60
C MET B 114 -5.88 -21.49 -12.39
N PHE B 115 -6.63 -20.38 -12.29
CA PHE B 115 -6.41 -19.34 -11.31
C PHE B 115 -7.76 -18.76 -10.85
N ILE B 116 -8.04 -18.84 -9.56
CA ILE B 116 -9.33 -18.39 -9.00
C ILE B 116 -9.16 -17.35 -7.86
N PRO B 117 -8.84 -16.11 -8.21
CA PRO B 117 -8.77 -15.04 -7.23
C PRO B 117 -10.18 -14.57 -6.79
N ALA B 118 -10.35 -14.32 -5.48
CA ALA B 118 -11.55 -13.68 -4.93
C ALA B 118 -11.36 -12.18 -4.92
N GLN B 119 -12.43 -11.44 -5.23
CA GLN B 119 -12.30 -10.00 -5.44
C GLN B 119 -13.49 -9.18 -5.00
N ARG B 120 -13.19 -7.94 -4.60
CA ARG B 120 -14.22 -6.91 -4.43
C ARG B 120 -14.04 -5.82 -5.49
N LEU B 121 -15.11 -5.63 -6.27
CA LEU B 121 -15.15 -4.65 -7.34
C LEU B 121 -16.19 -3.55 -7.10
N SER B 122 -15.78 -2.29 -7.31
CA SER B 122 -16.69 -1.17 -7.44
C SER B 122 -16.82 -0.80 -8.90
N PHE B 123 -18.05 -0.79 -9.42
CA PHE B 123 -18.30 -0.46 -10.81
C PHE B 123 -19.51 0.44 -10.96
N MET B 124 -19.64 1.07 -12.14
CA MET B 124 -20.72 2.03 -12.38
C MET B 124 -22.04 1.33 -12.60
N CYS B 125 -23.04 1.76 -11.83
CA CYS B 125 -24.34 1.14 -11.79
C CYS B 125 -25.39 2.09 -11.20
N ASP B 126 -26.35 2.46 -12.05
CA ASP B 126 -27.51 3.22 -11.64
C ASP B 126 -28.53 2.27 -10.98
N PRO B 127 -28.72 2.43 -9.66
CA PRO B 127 -29.49 1.47 -8.90
C PRO B 127 -30.96 1.85 -8.78
N THR B 128 -31.43 2.74 -9.66
CA THR B 128 -32.80 3.25 -9.63
C THR B 128 -33.79 2.15 -9.96
N GLY B 129 -34.70 1.92 -9.02
CA GLY B 129 -35.69 0.85 -9.13
C GLY B 129 -35.35 -0.36 -8.27
N VAL B 130 -34.27 -0.28 -7.50
CA VAL B 130 -33.78 -1.44 -6.75
C VAL B 130 -34.69 -1.83 -5.62
N ASP B 131 -35.44 -0.85 -5.11
CA ASP B 131 -36.39 -1.06 -4.02
C ASP B 131 -37.77 -1.53 -4.49
N SER B 132 -37.97 -1.60 -5.82
CA SER B 132 -39.19 -2.16 -6.39
C SER B 132 -39.13 -3.69 -6.51
N GLU B 133 -40.24 -4.28 -6.92
CA GLU B 133 -40.38 -5.73 -7.08
C GLU B 133 -39.65 -6.26 -8.33
N GLU B 134 -39.52 -5.43 -9.36
CA GLU B 134 -38.74 -5.76 -10.55
C GLU B 134 -37.24 -5.53 -10.36
N GLY B 135 -36.88 -4.71 -9.39
CA GLY B 135 -35.49 -4.38 -9.16
C GLY B 135 -34.87 -3.62 -10.32
N VAL B 136 -33.55 -3.80 -10.48
CA VAL B 136 -32.78 -3.07 -11.48
C VAL B 136 -31.73 -4.00 -12.10
N THR B 137 -31.35 -3.70 -13.34
CA THR B 137 -30.31 -4.44 -14.06
C THR B 137 -29.02 -3.64 -14.14
N CYS B 138 -27.90 -4.31 -13.87
CA CYS B 138 -26.59 -3.74 -14.10
C CYS B 138 -25.67 -4.70 -14.86
N ALA B 139 -24.69 -4.15 -15.57
CA ALA B 139 -23.77 -4.93 -16.37
C ALA B 139 -22.33 -4.47 -16.19
N VAL B 140 -21.39 -5.42 -16.22
CA VAL B 140 -19.96 -5.11 -16.31
C VAL B 140 -19.26 -5.98 -17.38
N LYS B 141 -18.56 -5.31 -18.29
CA LYS B 141 -17.76 -5.98 -19.32
C LYS B 141 -16.34 -6.23 -18.79
N PHE B 142 -15.87 -7.45 -19.00
CA PHE B 142 -14.48 -7.76 -18.71
C PHE B 142 -13.79 -8.07 -20.01
N GLY B 143 -12.58 -7.55 -20.15
CA GLY B 143 -11.76 -7.89 -21.29
C GLY B 143 -10.33 -7.51 -21.06
N SER B 144 -9.48 -7.90 -22.01
CA SER B 144 -8.07 -7.54 -22.03
C SER B 144 -7.92 -6.04 -22.23
N TRP B 145 -6.91 -5.46 -21.57
CA TRP B 145 -6.60 -4.05 -21.73
C TRP B 145 -5.84 -3.72 -23.02
N VAL B 146 -5.03 -4.65 -23.50
CA VAL B 146 -4.11 -4.37 -24.60
C VAL B 146 -4.24 -5.31 -25.82
N TYR B 147 -4.96 -6.42 -25.66
CA TYR B 147 -5.05 -7.41 -26.73
C TYR B 147 -6.42 -7.47 -27.44
N SER B 148 -6.39 -7.47 -28.78
CA SER B 148 -7.61 -7.64 -29.57
C SER B 148 -8.04 -9.11 -29.62
N GLY B 149 -9.16 -9.39 -30.28
CA GLY B 149 -9.64 -10.76 -30.41
C GLY B 149 -8.78 -11.66 -31.30
N PHE B 150 -7.75 -11.08 -31.93
CA PHE B 150 -6.81 -11.88 -32.72
C PHE B 150 -5.57 -12.28 -31.90
N GLU B 151 -5.51 -11.78 -30.67
CA GLU B 151 -4.40 -12.02 -29.75
C GLU B 151 -4.86 -12.73 -28.48
N ILE B 152 -5.91 -12.23 -27.83
CA ILE B 152 -6.61 -12.99 -26.80
C ILE B 152 -8.05 -13.23 -27.24
N ASP B 153 -8.41 -14.50 -27.35
CA ASP B 153 -9.77 -14.89 -27.63
C ASP B 153 -10.44 -15.28 -26.31
N LEU B 154 -11.52 -14.59 -26.00
CA LEU B 154 -12.16 -14.73 -24.70
C LEU B 154 -13.36 -15.67 -24.79
N LYS B 155 -13.50 -16.56 -23.81
CA LYS B 155 -14.60 -17.52 -23.79
C LYS B 155 -15.19 -17.70 -22.40
N THR B 156 -16.32 -18.38 -22.31
CA THR B 156 -16.83 -18.87 -21.03
C THR B 156 -16.88 -20.39 -21.02
N ASP B 157 -16.75 -20.95 -19.82
CA ASP B 157 -16.82 -22.40 -19.58
C ASP B 157 -18.25 -22.87 -19.48
N THR B 158 -18.85 -22.62 -18.33
CA THR B 158 -20.20 -23.06 -18.01
C THR B 158 -21.15 -21.98 -18.49
N ASP B 159 -22.05 -22.39 -19.38
CA ASP B 159 -23.18 -21.56 -19.81
C ASP B 159 -23.65 -20.56 -18.73
N GLN B 160 -24.09 -21.13 -17.61
CA GLN B 160 -24.82 -20.45 -16.55
C GLN B 160 -23.88 -19.93 -15.48
N VAL B 161 -24.20 -18.75 -14.94
CA VAL B 161 -23.45 -18.18 -13.80
C VAL B 161 -23.72 -18.98 -12.51
N ASP B 162 -22.66 -19.21 -11.75
CA ASP B 162 -22.74 -19.99 -10.51
C ASP B 162 -23.32 -19.14 -9.37
N LEU B 163 -24.57 -19.42 -9.00
CA LEU B 163 -25.25 -18.69 -7.91
C LEU B 163 -25.36 -19.52 -6.63
N SER B 164 -24.87 -20.76 -6.70
CA SER B 164 -25.11 -21.74 -5.66
C SER B 164 -24.55 -21.34 -4.29
N SER B 165 -23.55 -20.45 -4.27
CA SER B 165 -23.03 -19.98 -2.98
C SER B 165 -23.12 -18.46 -2.85
N TYR B 166 -24.21 -17.90 -3.35
CA TYR B 166 -24.48 -16.49 -3.15
C TYR B 166 -24.95 -16.33 -1.70
N TYR B 167 -24.39 -15.35 -0.99
CA TYR B 167 -24.76 -15.10 0.40
C TYR B 167 -26.28 -15.01 0.55
N ALA B 168 -26.84 -15.97 1.31
CA ALA B 168 -28.28 -16.14 1.50
C ALA B 168 -28.98 -14.99 2.21
N SER B 169 -28.26 -14.28 3.07
CA SER B 169 -28.84 -13.21 3.88
C SER B 169 -28.34 -11.82 3.45
N SER B 170 -27.85 -11.74 2.21
CA SER B 170 -27.44 -10.48 1.57
C SER B 170 -28.54 -9.41 1.56
N LYS B 171 -28.13 -8.15 1.68
CA LYS B 171 -29.03 -7.00 1.50
C LYS B 171 -29.79 -7.03 0.18
N TYR B 172 -29.15 -7.61 -0.83
CA TYR B 172 -29.65 -7.64 -2.21
C TYR B 172 -29.82 -9.06 -2.72
N GLU B 173 -31.04 -9.31 -3.18
CA GLU B 173 -31.51 -10.57 -3.70
C GLU B 173 -31.24 -10.56 -5.23
N ILE B 174 -30.63 -11.64 -5.72
CA ILE B 174 -30.31 -11.79 -7.15
C ILE B 174 -31.52 -12.34 -7.88
N LEU B 175 -32.01 -11.60 -8.86
CA LEU B 175 -33.14 -12.03 -9.64
C LEU B 175 -32.68 -12.82 -10.85
N SER B 176 -31.61 -12.34 -11.48
CA SER B 176 -30.89 -13.12 -12.50
C SER B 176 -29.43 -12.68 -12.64
N ALA B 177 -28.61 -13.57 -13.20
CA ALA B 177 -27.23 -13.27 -13.54
C ALA B 177 -26.86 -14.06 -14.77
N THR B 178 -26.25 -13.37 -15.72
CA THR B 178 -25.79 -14.00 -16.94
C THR B 178 -24.38 -13.54 -17.29
N GLN B 179 -23.61 -14.41 -17.95
CA GLN B 179 -22.24 -14.10 -18.40
C GLN B 179 -22.10 -14.55 -19.84
N THR B 180 -22.04 -13.59 -20.77
CA THR B 180 -21.95 -13.92 -22.18
C THR B 180 -20.82 -13.20 -22.90
N ARG B 181 -20.12 -13.98 -23.73
CA ARG B 181 -19.06 -13.50 -24.57
C ARG B 181 -19.68 -12.64 -25.65
N GLN B 182 -18.97 -11.59 -26.06
CA GLN B 182 -19.51 -10.69 -27.07
C GLN B 182 -18.49 -10.14 -28.02
N VAL B 183 -18.89 -10.09 -29.29
CA VAL B 183 -17.99 -9.66 -30.35
C VAL B 183 -18.48 -8.39 -31.04
N GLN B 184 -17.60 -7.43 -31.27
CA GLN B 184 -17.95 -6.26 -32.06
C GLN B 184 -16.87 -5.92 -33.07
N HIS B 185 -17.30 -5.29 -34.17
CA HIS B 185 -16.41 -4.74 -35.19
C HIS B 185 -16.73 -3.26 -35.43
N TYR B 186 -15.68 -2.44 -35.36
CA TYR B 186 -15.81 -1.02 -35.64
C TYR B 186 -15.61 -0.77 -37.12
N SER B 187 -16.09 0.37 -37.60
CA SER B 187 -16.03 0.74 -39.03
C SER B 187 -14.59 0.83 -39.53
N CYS B 188 -13.70 1.34 -38.67
CA CYS B 188 -12.32 1.60 -39.01
C CYS B 188 -11.51 0.33 -39.28
N CYS B 189 -11.83 -0.73 -38.56
CA CYS B 189 -10.87 -1.79 -38.27
C CYS B 189 -11.46 -3.19 -38.41
N PRO B 190 -10.75 -4.09 -39.09
CA PRO B 190 -11.28 -5.42 -39.38
C PRO B 190 -11.27 -6.41 -38.21
N GLU B 191 -10.37 -6.25 -37.25
CA GLU B 191 -10.25 -7.18 -36.12
C GLU B 191 -11.38 -7.05 -35.08
N PRO B 192 -11.78 -8.17 -34.48
CA PRO B 192 -12.83 -8.18 -33.48
C PRO B 192 -12.35 -7.74 -32.11
N TYR B 193 -13.26 -7.09 -31.37
CA TYR B 193 -13.05 -6.79 -29.97
C TYR B 193 -14.05 -7.56 -29.12
N ILE B 194 -13.51 -8.19 -28.08
CA ILE B 194 -14.23 -9.26 -27.39
C ILE B 194 -14.28 -8.91 -25.93
N ASP B 195 -15.45 -9.06 -25.34
CA ASP B 195 -15.59 -8.95 -23.89
C ASP B 195 -16.49 -10.06 -23.38
N VAL B 196 -16.44 -10.29 -22.07
CA VAL B 196 -17.44 -11.10 -21.38
C VAL B 196 -18.30 -10.15 -20.57
N ASN B 197 -19.60 -10.19 -20.86
CA ASN B 197 -20.60 -9.34 -20.23
C ASN B 197 -21.29 -10.02 -19.05
N LEU B 198 -21.02 -9.52 -17.86
CA LEU B 198 -21.63 -10.01 -16.66
C LEU B 198 -22.85 -9.14 -16.34
N VAL B 199 -24.03 -9.63 -16.70
CA VAL B 199 -25.27 -8.88 -16.50
C VAL B 199 -25.97 -9.46 -15.31
N VAL B 200 -26.12 -8.67 -14.26
CA VAL B 200 -26.89 -9.12 -13.12
C VAL B 200 -28.06 -8.17 -12.78
N LYS B 201 -29.22 -8.79 -12.58
CA LYS B 201 -30.44 -8.10 -12.19
C LYS B 201 -30.77 -8.45 -10.74
N PHE B 202 -31.00 -7.42 -9.92
CA PHE B 202 -31.15 -7.61 -8.48
C PHE B 202 -32.14 -6.63 -7.83
N ARG B 203 -32.52 -6.93 -6.59
CA ARG B 203 -33.42 -6.05 -5.82
C ARG B 203 -33.15 -6.15 -4.33
N GLU B 204 -33.55 -5.11 -3.60
CA GLU B 204 -33.52 -5.14 -2.15
C GLU B 204 -34.31 -6.34 -1.64
N ARG B 205 -33.74 -7.03 -0.66
CA ARG B 205 -34.36 -8.20 -0.01
C ARG B 205 -35.25 -7.75 1.17
N GLN C 1 8.40 -16.07 -34.00
CA GLN C 1 8.40 -17.32 -33.18
C GLN C 1 9.37 -17.17 -32.00
N ALA C 2 8.99 -16.33 -31.04
CA ALA C 2 9.81 -15.97 -29.86
C ALA C 2 11.24 -15.46 -30.18
N ASN C 3 11.34 -14.61 -31.21
CA ASN C 3 12.50 -13.74 -31.40
C ASN C 3 12.16 -12.44 -30.69
N LEU C 4 10.92 -12.37 -30.24
CA LEU C 4 10.44 -11.31 -29.38
C LEU C 4 11.28 -11.28 -28.11
N MET C 5 11.40 -12.44 -27.47
CA MET C 5 12.26 -12.60 -26.29
C MET C 5 13.67 -12.06 -26.54
N ARG C 6 14.24 -12.41 -27.70
CA ARG C 6 15.55 -11.91 -28.13
C ARG C 6 15.55 -10.38 -28.22
N LEU C 7 14.49 -9.81 -28.79
CA LEU C 7 14.35 -8.35 -28.95
C LEU C 7 14.24 -7.62 -27.61
N LYS C 8 13.28 -8.03 -26.76
CA LYS C 8 13.10 -7.37 -25.47
C LYS C 8 14.42 -7.33 -24.69
N SER C 9 15.19 -8.41 -24.83
CA SER C 9 16.52 -8.53 -24.26
C SER C 9 17.47 -7.40 -24.71
N ASP C 10 18.01 -7.49 -25.92
CA ASP C 10 18.99 -6.49 -26.38
C ASP C 10 18.48 -5.05 -26.45
N LEU C 11 17.16 -4.86 -26.37
CA LEU C 11 16.59 -3.52 -26.20
C LEU C 11 16.72 -3.03 -24.76
N PHE C 12 16.36 -3.91 -23.82
CA PHE C 12 16.28 -3.55 -22.41
C PHE C 12 17.41 -4.07 -21.50
N ASN C 13 18.42 -4.73 -22.10
CA ASN C 13 19.50 -5.34 -21.31
C ASN C 13 20.90 -4.80 -21.61
N ARG C 14 21.19 -4.52 -22.88
CA ARG C 14 22.44 -3.85 -23.25
C ARG C 14 22.38 -2.39 -22.78
N SER C 15 23.49 -1.93 -22.19
CA SER C 15 23.65 -0.62 -21.49
C SER C 15 22.43 0.32 -21.26
N PRO C 16 22.03 1.11 -22.27
CA PRO C 16 21.11 2.22 -22.05
C PRO C 16 19.88 1.93 -21.16
N MET C 17 19.73 2.72 -20.10
CA MET C 17 18.40 3.03 -19.59
C MET C 17 18.21 4.52 -19.91
N TYR C 18 17.15 4.84 -20.67
CA TYR C 18 16.94 6.21 -21.16
C TYR C 18 16.72 7.24 -20.05
N PRO C 19 17.61 8.23 -19.97
CA PRO C 19 17.68 9.16 -18.84
C PRO C 19 16.72 10.37 -18.94
N GLY C 20 15.75 10.31 -19.85
CA GLY C 20 14.80 11.40 -20.07
C GLY C 20 15.30 12.42 -21.09
N PRO C 21 14.42 13.33 -21.50
CA PRO C 21 14.76 14.32 -22.55
C PRO C 21 15.60 15.46 -22.02
N THR C 22 16.08 16.29 -22.94
CA THR C 22 16.73 17.55 -22.59
C THR C 22 16.46 18.61 -23.67
N LYS C 23 16.87 19.84 -23.38
CA LYS C 23 16.84 20.90 -24.38
C LYS C 23 17.61 20.45 -25.65
N ASP C 24 18.58 19.55 -25.50
CA ASP C 24 19.36 19.06 -26.66
C ASP C 24 18.78 17.86 -27.37
N ASP C 25 17.92 17.14 -26.67
CA ASP C 25 17.31 15.94 -27.19
C ASP C 25 15.83 16.02 -26.74
N PRO C 26 15.09 16.93 -27.36
CA PRO C 26 13.73 17.25 -26.93
C PRO C 26 12.73 16.18 -27.36
N LEU C 27 11.55 16.23 -26.74
CA LEU C 27 10.56 15.20 -26.97
C LEU C 27 9.13 15.74 -27.02
N THR C 28 8.33 15.16 -27.89
CA THR C 28 6.92 15.49 -28.01
C THR C 28 6.01 14.41 -27.45
N VAL C 29 5.08 14.83 -26.59
CA VAL C 29 4.06 13.95 -26.05
C VAL C 29 2.68 14.37 -26.55
N THR C 30 1.95 13.41 -27.11
CA THR C 30 0.58 13.63 -27.53
C THR C 30 -0.39 13.08 -26.46
N LEU C 31 -1.26 13.95 -25.99
CA LEU C 31 -2.15 13.62 -24.91
C LEU C 31 -3.57 13.72 -25.43
N GLY C 32 -4.37 12.70 -25.17
CA GLY C 32 -5.80 12.76 -25.39
C GLY C 32 -6.52 12.13 -24.21
N PHE C 33 -7.77 12.55 -23.99
CA PHE C 33 -8.60 11.95 -22.93
C PHE C 33 -9.88 11.30 -23.44
N THR C 34 -10.29 10.26 -22.73
CA THR C 34 -11.58 9.60 -22.90
C THR C 34 -12.28 9.66 -21.53
N LEU C 35 -13.32 10.49 -21.42
CA LEU C 35 -14.07 10.58 -20.16
C LEU C 35 -15.03 9.41 -20.09
N GLN C 36 -14.90 8.61 -19.03
CA GLN C 36 -15.78 7.47 -18.77
C GLN C 36 -16.96 7.84 -17.84
N ASP C 37 -16.70 8.68 -16.86
CA ASP C 37 -17.68 8.98 -15.84
C ASP C 37 -17.18 10.04 -14.89
N ILE C 38 -18.05 10.98 -14.53
CA ILE C 38 -17.89 11.79 -13.33
C ILE C 38 -18.52 11.00 -12.17
N VAL C 39 -17.68 10.43 -11.30
CA VAL C 39 -18.18 9.58 -10.23
C VAL C 39 -18.78 10.38 -9.05
N LYS C 40 -17.96 11.25 -8.46
CA LYS C 40 -18.35 11.95 -7.24
C LYS C 40 -18.22 13.47 -7.35
N VAL C 41 -19.14 14.17 -6.71
CA VAL C 41 -19.13 15.62 -6.54
C VAL C 41 -19.23 15.87 -5.03
N ASP C 42 -18.31 16.64 -4.46
CA ASP C 42 -18.32 16.92 -3.02
C ASP C 42 -18.43 18.43 -2.79
N SER C 43 -19.51 18.87 -2.16
CA SER C 43 -19.74 20.30 -1.97
C SER C 43 -19.08 20.84 -0.72
N SER C 44 -18.93 19.99 0.30
CA SER C 44 -18.28 20.38 1.57
C SER C 44 -16.77 20.61 1.39
N THR C 45 -16.13 19.78 0.59
CA THR C 45 -14.77 20.06 0.14
C THR C 45 -15.01 20.52 -1.28
N ASN C 46 -14.09 21.17 -1.95
CA ASN C 46 -14.43 21.40 -3.36
C ASN C 46 -13.71 20.42 -4.24
N GLU C 47 -14.20 19.18 -4.18
CA GLU C 47 -13.56 18.07 -4.91
C GLU C 47 -14.51 17.40 -5.89
N VAL C 48 -13.95 16.93 -7.02
CA VAL C 48 -14.69 16.16 -8.01
C VAL C 48 -13.91 14.94 -8.45
N ASP C 49 -14.60 13.81 -8.55
CA ASP C 49 -13.95 12.54 -8.92
C ASP C 49 -14.30 12.17 -10.34
N LEU C 50 -13.27 11.87 -11.13
CA LEU C 50 -13.37 11.54 -12.54
C LEU C 50 -12.75 10.18 -12.82
N VAL C 51 -13.35 9.45 -13.77
CA VAL C 51 -12.71 8.26 -14.35
C VAL C 51 -12.56 8.53 -15.85
N TYR C 52 -11.32 8.51 -16.30
CA TYR C 52 -11.02 8.84 -17.66
C TYR C 52 -9.88 7.91 -18.08
N TYR C 53 -9.64 7.79 -19.39
CA TYR C 53 -8.50 7.04 -19.94
C TYR C 53 -7.60 8.08 -20.55
N GLU C 54 -6.37 8.11 -20.07
CA GLU C 54 -5.39 9.07 -20.51
C GLU C 54 -4.50 8.44 -21.59
N GLN C 55 -4.74 8.79 -22.84
CA GLN C 55 -3.90 8.29 -23.93
C GLN C 55 -2.67 9.15 -24.08
N GLN C 56 -1.50 8.49 -24.03
CA GLN C 56 -0.19 9.14 -24.07
C GLN C 56 0.69 8.48 -25.10
N ARG C 57 1.35 9.29 -25.95
CA ARG C 57 2.15 8.82 -27.08
C ARG C 57 3.41 9.67 -27.30
N TRP C 58 4.56 9.03 -27.39
CA TRP C 58 5.83 9.70 -27.67
C TRP C 58 6.66 8.77 -28.53
N LYS C 59 7.89 9.17 -28.83
CA LYS C 59 8.77 8.46 -29.76
C LYS C 59 10.22 8.60 -29.29
N LEU C 60 10.89 7.46 -29.12
CA LEU C 60 12.30 7.46 -28.72
C LEU C 60 13.17 6.79 -29.78
N ASN C 61 14.25 7.45 -30.15
CA ASN C 61 15.28 6.85 -31.02
C ASN C 61 15.80 5.53 -30.45
N SER C 62 16.05 5.53 -29.14
CA SER C 62 16.66 4.38 -28.46
C SER C 62 15.81 3.12 -28.47
N LEU C 63 14.61 3.22 -29.05
CA LEU C 63 13.69 2.09 -29.13
C LEU C 63 13.48 1.55 -30.53
N MET C 64 14.06 2.22 -31.53
CA MET C 64 13.99 1.78 -32.92
C MET C 64 14.68 0.43 -33.16
N TRP C 65 14.10 -0.37 -34.06
CA TRP C 65 14.69 -1.64 -34.49
C TRP C 65 14.29 -2.00 -35.92
N ASP C 66 15.17 -2.73 -36.59
CA ASP C 66 14.92 -3.25 -37.93
C ASP C 66 14.12 -4.55 -37.81
N PRO C 67 12.87 -4.54 -38.26
CA PRO C 67 12.01 -5.72 -38.13
C PRO C 67 12.53 -6.94 -38.92
N ASN C 68 13.22 -6.71 -40.04
CA ASN C 68 13.91 -7.79 -40.76
C ASN C 68 14.80 -8.64 -39.84
N GLU C 69 15.58 -7.94 -39.03
CA GLU C 69 16.49 -8.55 -38.07
C GLU C 69 15.79 -9.30 -36.92
N TYR C 70 14.47 -9.12 -36.78
CA TYR C 70 13.71 -9.71 -35.67
C TYR C 70 12.40 -10.38 -36.08
N GLY C 71 12.49 -11.39 -36.95
CA GLY C 71 11.35 -12.20 -37.38
C GLY C 71 10.16 -11.44 -37.92
N ASN C 72 10.42 -10.35 -38.64
CA ASN C 72 9.40 -9.41 -39.13
C ASN C 72 8.47 -8.86 -38.02
N ILE C 73 9.04 -8.56 -36.84
CA ILE C 73 8.30 -8.05 -35.69
C ILE C 73 8.22 -6.53 -35.69
N THR C 74 7.00 -5.99 -35.81
CA THR C 74 6.79 -4.55 -35.97
C THR C 74 6.48 -3.80 -34.65
N ASP C 75 5.97 -4.52 -33.67
CA ASP C 75 5.58 -3.93 -32.38
C ASP C 75 5.62 -5.00 -31.29
N PHE C 76 5.63 -4.57 -30.03
CA PHE C 76 5.36 -5.47 -28.90
C PHE C 76 4.74 -4.79 -27.68
N ARG C 77 4.10 -5.58 -26.82
CA ARG C 77 3.60 -5.07 -25.55
C ARG C 77 4.59 -5.40 -24.45
N THR C 78 4.88 -4.41 -23.62
CA THR C 78 5.67 -4.58 -22.42
C THR C 78 5.09 -3.70 -21.29
N SER C 79 5.34 -4.10 -20.05
CA SER C 79 4.93 -3.29 -18.90
C SER C 79 5.63 -1.94 -18.93
N ALA C 80 4.88 -0.92 -18.54
CA ALA C 80 5.35 0.46 -18.48
C ALA C 80 6.57 0.67 -17.57
N ALA C 81 6.83 -0.27 -16.66
CA ALA C 81 7.97 -0.21 -15.75
C ALA C 81 9.27 -0.46 -16.50
N ASP C 82 9.22 -1.32 -17.53
CA ASP C 82 10.39 -1.67 -18.35
C ASP C 82 10.89 -0.47 -19.17
N ILE C 83 10.15 0.65 -19.15
CA ILE C 83 10.49 1.77 -20.02
C ILE C 83 10.39 3.11 -19.33
N TRP C 84 11.02 4.11 -19.94
CA TRP C 84 10.82 5.47 -19.53
C TRP C 84 9.36 5.90 -19.88
N THR C 85 8.74 6.68 -19.00
CA THR C 85 7.42 7.26 -19.26
C THR C 85 7.41 8.73 -18.82
N PRO C 86 6.75 9.60 -19.56
CA PRO C 86 6.83 11.03 -19.22
C PRO C 86 6.15 11.27 -17.85
N ASP C 87 6.46 12.40 -17.22
CA ASP C 87 5.98 12.68 -15.89
C ASP C 87 4.75 13.58 -15.90
N ILE C 88 3.78 13.30 -16.79
CA ILE C 88 2.59 14.17 -16.93
C ILE C 88 1.70 14.08 -15.68
N THR C 89 1.54 15.22 -15.02
CA THR C 89 0.78 15.28 -13.78
C THR C 89 -0.38 16.20 -13.93
N ALA C 90 -1.49 15.84 -13.28
CA ALA C 90 -2.56 16.79 -12.99
C ALA C 90 -2.00 17.84 -12.02
N TYR C 91 -2.18 19.11 -12.36
CA TYR C 91 -1.68 20.21 -11.50
C TYR C 91 -2.58 20.57 -10.30
N SER C 92 -3.83 20.11 -10.27
CA SER C 92 -4.76 20.44 -9.17
C SER C 92 -5.52 19.27 -8.50
N SER C 93 -4.92 18.09 -8.54
CA SER C 93 -5.40 16.95 -7.79
C SER C 93 -5.33 17.21 -6.29
N THR C 94 -6.07 16.42 -5.52
CA THR C 94 -6.07 16.59 -4.05
C THR C 94 -5.82 15.26 -3.37
N ARG C 95 -5.62 14.22 -4.17
CA ARG C 95 -5.42 12.85 -3.72
C ARG C 95 -4.55 12.15 -4.76
N PRO C 96 -3.74 11.16 -4.34
CA PRO C 96 -2.92 10.41 -5.32
C PRO C 96 -3.85 9.69 -6.29
N VAL C 97 -3.55 9.73 -7.58
CA VAL C 97 -4.39 9.05 -8.60
C VAL C 97 -4.42 7.56 -8.32
N GLN C 98 -5.47 6.91 -8.78
CA GLN C 98 -5.60 5.48 -8.57
C GLN C 98 -5.67 4.80 -9.94
N VAL C 99 -4.77 3.83 -10.13
CA VAL C 99 -4.68 3.10 -11.38
C VAL C 99 -5.78 2.04 -11.40
N LEU C 100 -6.62 2.07 -12.44
CA LEU C 100 -7.74 1.15 -12.57
C LEU C 100 -7.49 0.05 -13.60
N SER C 101 -6.38 0.14 -14.30
CA SER C 101 -6.14 -0.78 -15.38
C SER C 101 -4.72 -1.26 -15.29
N PRO C 102 -4.38 -2.28 -16.07
CA PRO C 102 -3.00 -2.74 -16.17
C PRO C 102 -2.13 -1.67 -16.84
N GLN C 103 -0.88 -1.59 -16.42
CA GLN C 103 0.02 -0.58 -16.98
C GLN C 103 1.00 -1.22 -17.96
N ILE C 104 0.45 -1.49 -19.14
CA ILE C 104 1.14 -2.12 -20.24
C ILE C 104 1.11 -1.10 -21.37
N ALA C 105 2.21 -1.06 -22.15
CA ALA C 105 2.38 -0.10 -23.24
C ALA C 105 2.67 -0.85 -24.51
N VAL C 106 2.48 -0.18 -25.66
CA VAL C 106 2.88 -0.78 -26.94
C VAL C 106 4.07 0.00 -27.53
N VAL C 107 5.13 -0.73 -27.83
CA VAL C 107 6.30 -0.14 -28.46
C VAL C 107 6.32 -0.59 -29.89
N THR C 108 6.40 0.35 -30.83
CA THR C 108 6.51 0.06 -32.27
C THR C 108 7.96 0.29 -32.78
N HIS C 109 8.29 -0.38 -33.88
CA HIS C 109 9.67 -0.45 -34.41
C HIS C 109 10.25 0.88 -34.84
N ASP C 110 9.41 1.87 -35.09
CA ASP C 110 9.88 3.22 -35.40
C ASP C 110 10.23 3.99 -34.12
N GLY C 111 10.16 3.29 -32.99
CA GLY C 111 10.54 3.85 -31.71
C GLY C 111 9.41 4.57 -30.99
N SER C 112 8.20 4.55 -31.53
CA SER C 112 7.03 5.16 -30.86
C SER C 112 6.39 4.25 -29.82
N VAL C 113 5.91 4.86 -28.76
CA VAL C 113 5.29 4.17 -27.66
C VAL C 113 3.91 4.79 -27.50
N MET C 114 2.90 3.96 -27.24
CA MET C 114 1.56 4.46 -26.79
C MET C 114 1.17 3.73 -25.50
N PHE C 115 0.41 4.42 -24.65
CA PHE C 115 0.21 3.99 -23.29
C PHE C 115 -1.11 4.62 -22.82
N ILE C 116 -2.08 3.77 -22.45
CA ILE C 116 -3.41 4.24 -22.05
C ILE C 116 -3.87 3.65 -20.71
N PRO C 117 -3.41 4.20 -19.59
CA PRO C 117 -3.91 3.76 -18.31
C PRO C 117 -5.28 4.40 -17.95
N ALA C 118 -6.17 3.63 -17.31
CA ALA C 118 -7.43 4.15 -16.78
C ALA C 118 -7.16 4.65 -15.38
N GLN C 119 -7.66 5.85 -15.10
CA GLN C 119 -7.38 6.50 -13.83
C GLN C 119 -8.60 7.10 -13.17
N ARG C 120 -8.58 7.09 -11.83
CA ARG C 120 -9.46 7.90 -11.03
C ARG C 120 -8.70 9.05 -10.38
N LEU C 121 -9.26 10.25 -10.52
CA LEU C 121 -8.61 11.47 -10.09
C LEU C 121 -9.59 12.33 -9.29
N SER C 122 -9.19 12.71 -8.09
CA SER C 122 -9.87 13.75 -7.34
C SER C 122 -9.18 15.11 -7.56
N PHE C 123 -9.95 16.13 -7.93
CA PHE C 123 -9.36 17.44 -8.16
C PHE C 123 -10.24 18.58 -7.65
N MET C 124 -9.62 19.75 -7.48
CA MET C 124 -10.24 21.00 -7.02
C MET C 124 -11.31 21.50 -7.98
N CYS C 125 -12.53 21.54 -7.47
CA CYS C 125 -13.67 21.88 -8.31
C CYS C 125 -14.90 22.26 -7.49
N ASP C 126 -15.33 23.51 -7.66
CA ASP C 126 -16.56 24.06 -7.01
C ASP C 126 -17.84 23.74 -7.81
N PRO C 127 -18.64 22.80 -7.32
CA PRO C 127 -19.79 22.27 -8.06
C PRO C 127 -21.10 23.06 -7.88
N THR C 128 -21.01 24.30 -7.42
CA THR C 128 -22.20 25.14 -7.26
C THR C 128 -22.84 25.39 -8.61
N GLY C 129 -24.14 25.10 -8.71
CA GLY C 129 -24.86 25.24 -9.97
C GLY C 129 -25.13 23.92 -10.71
N VAL C 130 -24.34 22.88 -10.39
CA VAL C 130 -24.57 21.52 -10.88
C VAL C 130 -26.07 21.14 -10.87
N ASP C 131 -26.79 21.65 -9.87
CA ASP C 131 -28.24 21.50 -9.69
C ASP C 131 -29.12 22.07 -10.82
N SER C 132 -28.64 23.13 -11.44
CA SER C 132 -29.42 23.89 -12.41
C SER C 132 -29.38 23.31 -13.83
N GLU C 133 -30.26 23.83 -14.68
CA GLU C 133 -30.32 23.49 -16.10
C GLU C 133 -29.04 23.91 -16.84
N GLU C 134 -28.36 24.93 -16.33
CA GLU C 134 -27.11 25.43 -16.92
C GLU C 134 -25.86 24.63 -16.51
N GLY C 135 -25.89 24.03 -15.34
CA GLY C 135 -24.78 23.24 -14.84
C GLY C 135 -23.58 24.05 -14.38
N VAL C 136 -22.44 23.39 -14.31
CA VAL C 136 -21.22 23.99 -13.78
C VAL C 136 -19.99 23.55 -14.59
N THR C 137 -18.93 24.36 -14.54
CA THR C 137 -17.74 24.11 -15.32
C THR C 137 -16.53 23.84 -14.42
N CYS C 138 -15.78 22.78 -14.72
CA CYS C 138 -14.52 22.54 -14.03
C CYS C 138 -13.40 22.27 -14.99
N ALA C 139 -12.19 22.68 -14.58
CA ALA C 139 -10.99 22.48 -15.39
C ALA C 139 -9.86 21.91 -14.57
N VAL C 140 -8.99 21.16 -15.22
CA VAL C 140 -7.79 20.68 -14.59
C VAL C 140 -6.69 20.59 -15.64
N LYS C 141 -5.53 21.11 -15.25
CA LYS C 141 -4.37 21.16 -16.12
C LYS C 141 -3.45 19.97 -15.89
N PHE C 142 -2.96 19.44 -17.00
CA PHE C 142 -1.97 18.37 -16.99
C PHE C 142 -0.74 18.92 -17.65
N GLY C 143 0.40 18.57 -17.08
CA GLY C 143 1.66 19.03 -17.58
C GLY C 143 2.79 18.28 -16.91
N SER C 144 3.98 18.42 -17.47
CA SER C 144 5.15 17.79 -16.92
C SER C 144 5.49 18.45 -15.60
N TRP C 145 5.99 17.67 -14.65
CA TRP C 145 6.38 18.20 -13.34
C TRP C 145 7.80 18.79 -13.33
N VAL C 146 8.66 18.32 -14.22
CA VAL C 146 10.08 18.75 -14.21
C VAL C 146 10.63 19.30 -15.54
N TYR C 147 9.92 19.09 -16.65
CA TYR C 147 10.44 19.44 -17.99
C TYR C 147 9.74 20.62 -18.67
N SER C 148 10.51 21.62 -19.09
CA SER C 148 9.94 22.75 -19.86
C SER C 148 9.45 22.34 -21.26
N GLY C 149 8.98 23.33 -22.04
CA GLY C 149 8.43 23.08 -23.36
C GLY C 149 9.53 22.87 -24.37
N PHE C 150 10.74 23.24 -23.96
CA PHE C 150 11.94 22.98 -24.70
C PHE C 150 12.45 21.57 -24.39
N GLU C 151 11.82 20.91 -23.42
CA GLU C 151 12.25 19.56 -23.05
C GLU C 151 11.17 18.54 -23.32
N ILE C 152 9.96 18.84 -22.87
CA ILE C 152 8.79 18.10 -23.31
C ILE C 152 7.79 19.07 -23.92
N ASP C 153 7.58 18.92 -25.23
CA ASP C 153 6.48 19.62 -25.89
C ASP C 153 5.23 18.77 -25.78
N LEU C 154 4.15 19.39 -25.39
CA LEU C 154 2.94 18.69 -25.04
C LEU C 154 1.84 19.16 -26.00
N LYS C 155 1.22 18.23 -26.73
CA LYS C 155 0.20 18.56 -27.74
C LYS C 155 -1.00 17.59 -27.75
N THR C 156 -2.05 17.94 -28.49
CA THR C 156 -3.25 17.11 -28.70
C THR C 156 -3.53 16.98 -30.20
N ASP C 157 -4.42 16.06 -30.57
CA ASP C 157 -4.89 15.91 -31.96
C ASP C 157 -6.30 16.43 -32.16
N THR C 158 -6.97 16.77 -31.07
CA THR C 158 -8.33 17.27 -31.16
C THR C 158 -8.74 18.01 -29.89
N ASP C 159 -9.53 19.06 -30.07
CA ASP C 159 -10.10 19.82 -28.96
C ASP C 159 -11.03 18.95 -28.16
N GLN C 160 -11.60 17.95 -28.83
CA GLN C 160 -12.70 17.15 -28.29
C GLN C 160 -12.25 15.94 -27.46
N VAL C 161 -12.61 15.96 -26.17
CA VAL C 161 -12.50 14.77 -25.32
C VAL C 161 -13.43 13.70 -25.86
N ASP C 162 -12.98 12.44 -25.87
CA ASP C 162 -13.82 11.36 -26.36
C ASP C 162 -14.88 11.04 -25.32
N LEU C 163 -16.14 11.18 -25.72
CA LEU C 163 -17.29 10.98 -24.86
C LEU C 163 -18.14 9.81 -25.32
N SER C 164 -17.69 9.16 -26.39
CA SER C 164 -18.48 8.13 -27.09
C SER C 164 -18.75 6.94 -26.19
N SER C 165 -18.00 6.84 -25.12
CA SER C 165 -18.28 5.77 -24.18
C SER C 165 -18.46 6.26 -22.71
N TYR C 166 -18.91 7.50 -22.56
CA TYR C 166 -19.34 8.05 -21.29
C TYR C 166 -20.54 7.23 -20.81
N TYR C 167 -20.54 6.88 -19.52
CA TYR C 167 -21.58 6.04 -18.93
C TYR C 167 -22.97 6.68 -19.06
N ALA C 168 -23.88 5.95 -19.68
CA ALA C 168 -25.16 6.49 -20.13
C ALA C 168 -26.15 6.72 -18.98
N SER C 169 -25.89 6.10 -17.85
CA SER C 169 -26.72 6.24 -16.68
C SER C 169 -25.99 6.91 -15.52
N SER C 170 -24.96 7.70 -15.84
CA SER C 170 -24.25 8.51 -14.83
C SER C 170 -25.21 9.46 -14.12
N LYS C 171 -24.84 9.84 -12.89
CA LYS C 171 -25.53 10.86 -12.11
C LYS C 171 -25.43 12.20 -12.84
N TYR C 172 -24.38 12.32 -13.63
CA TYR C 172 -23.99 13.57 -14.28
C TYR C 172 -24.06 13.44 -15.79
N GLU C 173 -24.58 14.48 -16.41
CA GLU C 173 -24.76 14.55 -17.84
C GLU C 173 -23.74 15.56 -18.34
N ILE C 174 -22.92 15.18 -19.31
CA ILE C 174 -21.95 16.12 -19.86
C ILE C 174 -22.59 17.05 -20.90
N LEU C 175 -22.45 18.35 -20.69
CA LEU C 175 -22.89 19.34 -21.65
C LEU C 175 -21.78 19.70 -22.63
N SER C 176 -20.53 19.54 -22.19
CA SER C 176 -19.33 19.91 -22.96
C SER C 176 -18.05 19.39 -22.30
N ALA C 177 -17.10 18.94 -23.10
CA ALA C 177 -15.82 18.46 -22.60
C ALA C 177 -14.72 18.63 -23.64
N THR C 178 -13.71 19.40 -23.26
CA THR C 178 -12.72 19.87 -24.19
C THR C 178 -11.32 19.82 -23.56
N GLN C 179 -10.32 19.52 -24.39
CA GLN C 179 -8.91 19.47 -24.01
C GLN C 179 -8.17 20.45 -24.92
N THR C 180 -7.37 21.33 -24.36
CA THR C 180 -6.65 22.33 -25.16
C THR C 180 -5.27 22.70 -24.63
N ARG C 181 -4.30 22.71 -25.57
CA ARG C 181 -2.91 23.11 -25.31
C ARG C 181 -2.80 24.59 -25.00
N GLN C 182 -2.18 24.88 -23.85
CA GLN C 182 -1.90 26.24 -23.43
C GLN C 182 -0.43 26.46 -23.19
N VAL C 183 0.06 27.63 -23.61
CA VAL C 183 1.45 28.02 -23.41
C VAL C 183 1.51 29.25 -22.52
N GLN C 184 2.34 29.18 -21.48
CA GLN C 184 2.62 30.32 -20.61
C GLN C 184 4.07 30.79 -20.80
N HIS C 185 4.24 32.10 -20.92
CA HIS C 185 5.54 32.74 -20.96
C HIS C 185 5.87 33.46 -19.64
N TYR C 186 7.13 33.31 -19.17
CA TYR C 186 7.64 34.09 -18.01
C TYR C 186 8.82 34.97 -18.42
N SER C 187 8.79 36.25 -18.03
CA SER C 187 9.81 37.21 -18.51
C SER C 187 11.25 36.97 -18.03
N CYS C 188 11.43 36.08 -17.07
CA CYS C 188 12.77 35.71 -16.63
C CYS C 188 13.51 34.83 -17.66
N CYS C 189 12.74 34.12 -18.48
CA CYS C 189 13.20 32.84 -19.01
C CYS C 189 12.72 32.66 -20.43
N PRO C 190 13.61 32.21 -21.33
CA PRO C 190 13.25 32.01 -22.73
C PRO C 190 12.40 30.78 -23.02
N GLU C 191 12.37 29.83 -22.10
CA GLU C 191 11.65 28.59 -22.34
C GLU C 191 10.16 28.71 -21.99
N PRO C 192 9.29 28.20 -22.85
CA PRO C 192 7.86 28.21 -22.59
C PRO C 192 7.42 27.08 -21.66
N TYR C 193 6.30 27.29 -20.95
CA TYR C 193 5.71 26.22 -20.15
C TYR C 193 4.40 25.78 -20.73
N ILE C 194 4.13 24.49 -20.70
CA ILE C 194 3.02 23.92 -21.49
C ILE C 194 2.14 23.07 -20.58
N ASP C 195 0.85 23.12 -20.84
CA ASP C 195 -0.07 22.25 -20.15
C ASP C 195 -1.20 21.96 -21.11
N VAL C 196 -1.89 20.85 -20.89
CA VAL C 196 -3.17 20.60 -21.56
C VAL C 196 -4.29 20.83 -20.54
N ASN C 197 -5.20 21.75 -20.85
CA ASN C 197 -6.34 22.08 -19.99
C ASN C 197 -7.62 21.29 -20.38
N LEU C 198 -8.09 20.47 -19.43
CA LEU C 198 -9.29 19.66 -19.53
C LEU C 198 -10.46 20.40 -18.88
N VAL C 199 -11.37 20.94 -19.68
CA VAL C 199 -12.51 21.69 -19.15
C VAL C 199 -13.76 20.88 -19.40
N VAL C 200 -14.46 20.51 -18.33
CA VAL C 200 -15.74 19.82 -18.52
C VAL C 200 -16.91 20.63 -17.93
N LYS C 201 -17.99 20.71 -18.69
CA LYS C 201 -19.22 21.35 -18.26
C LYS C 201 -20.27 20.26 -18.16
N PHE C 202 -20.98 20.25 -17.04
CA PHE C 202 -21.91 19.17 -16.74
C PHE C 202 -22.99 19.59 -15.75
N ARG C 203 -24.00 18.73 -15.62
CA ARG C 203 -25.12 18.95 -14.69
C ARG C 203 -25.72 17.62 -14.25
N GLU C 204 -26.50 17.65 -13.18
CA GLU C 204 -27.26 16.49 -12.73
C GLU C 204 -28.25 15.99 -13.79
N ARG C 205 -28.35 14.66 -13.88
CA ARG C 205 -29.23 13.99 -14.84
C ARG C 205 -30.63 13.83 -14.24
N GLN D 1 20.63 10.43 -23.35
CA GLN D 1 21.61 10.00 -24.39
C GLN D 1 23.06 10.14 -23.92
N ALA D 2 24.01 9.64 -24.71
CA ALA D 2 25.44 9.94 -24.60
C ALA D 2 26.00 10.19 -23.18
N ASN D 3 26.41 11.43 -22.93
CA ASN D 3 27.16 11.82 -21.76
C ASN D 3 26.37 11.82 -20.47
N LEU D 4 25.06 12.01 -20.58
CA LEU D 4 24.17 12.05 -19.41
C LEU D 4 24.10 10.69 -18.69
N MET D 5 23.98 9.61 -19.45
CA MET D 5 24.11 8.24 -18.91
C MET D 5 25.44 8.05 -18.19
N ARG D 6 26.54 8.53 -18.79
CA ARG D 6 27.87 8.41 -18.20
C ARG D 6 27.94 9.15 -16.86
N LEU D 7 27.48 10.40 -16.87
CA LEU D 7 27.49 11.25 -15.68
C LEU D 7 26.75 10.62 -14.51
N LYS D 8 25.56 10.10 -14.79
CA LYS D 8 24.69 9.53 -13.76
C LYS D 8 25.26 8.23 -13.19
N SER D 9 25.91 7.45 -14.03
CA SER D 9 26.59 6.22 -13.64
C SER D 9 27.82 6.53 -12.77
N ASP D 10 28.67 7.45 -13.23
CA ASP D 10 29.83 7.92 -12.46
C ASP D 10 29.45 8.42 -11.06
N LEU D 11 28.34 9.16 -10.99
CA LEU D 11 27.90 9.77 -9.73
C LEU D 11 27.28 8.76 -8.78
N PHE D 12 26.46 7.84 -9.29
CA PHE D 12 25.69 6.94 -8.43
C PHE D 12 26.22 5.51 -8.33
N ASN D 13 26.98 5.06 -9.32
CA ASN D 13 27.39 3.66 -9.39
C ASN D 13 28.81 3.36 -8.95
N ARG D 14 29.59 4.40 -8.67
CA ARG D 14 30.87 4.19 -8.01
C ARG D 14 30.57 4.02 -6.52
N SER D 15 29.63 3.10 -6.22
CA SER D 15 28.93 3.05 -4.92
C SER D 15 28.79 4.52 -4.46
N PRO D 16 28.97 4.82 -3.17
CA PRO D 16 28.07 4.42 -2.10
C PRO D 16 27.36 5.73 -1.79
N MET D 17 26.06 5.69 -1.51
CA MET D 17 25.31 6.93 -1.33
C MET D 17 25.89 7.75 -0.16
N TYR D 18 25.63 9.07 -0.19
CA TYR D 18 25.99 9.98 0.89
C TYR D 18 25.28 9.53 2.19
N PRO D 19 26.00 9.46 3.31
CA PRO D 19 25.43 8.95 4.55
C PRO D 19 24.77 9.98 5.45
N GLY D 20 24.51 11.19 4.92
CA GLY D 20 23.95 12.29 5.71
C GLY D 20 25.03 13.12 6.41
N PRO D 21 24.63 14.26 6.95
CA PRO D 21 25.57 15.18 7.61
C PRO D 21 25.97 14.78 9.02
N THR D 22 26.93 15.51 9.59
CA THR D 22 27.43 15.32 10.97
C THR D 22 27.67 16.69 11.58
N LYS D 23 28.11 16.71 12.85
CA LYS D 23 28.60 17.94 13.47
C LYS D 23 29.78 18.51 12.67
N ASP D 24 30.63 17.59 12.18
CA ASP D 24 31.84 17.91 11.42
C ASP D 24 31.58 18.28 9.96
N ASP D 25 30.53 17.69 9.38
CA ASP D 25 30.15 18.00 8.01
C ASP D 25 28.66 18.43 7.98
N PRO D 26 28.37 19.63 8.48
CA PRO D 26 26.99 20.09 8.60
C PRO D 26 26.41 20.52 7.25
N LEU D 27 25.10 20.66 7.19
CA LEU D 27 24.41 20.93 5.93
C LEU D 27 23.31 21.98 6.10
N THR D 28 23.13 22.82 5.09
CA THR D 28 22.04 23.79 5.07
C THR D 28 20.93 23.41 4.08
N VAL D 29 19.71 23.26 4.60
CA VAL D 29 18.53 22.98 3.81
C VAL D 29 17.64 24.22 3.84
N THR D 30 17.30 24.74 2.66
CA THR D 30 16.38 25.87 2.52
C THR D 30 14.98 25.37 2.19
N LEU D 31 14.01 25.78 2.99
CA LEU D 31 12.65 25.32 2.81
C LEU D 31 11.73 26.44 2.29
N GLY D 32 10.68 26.06 1.57
CA GLY D 32 9.67 27.00 1.06
C GLY D 32 8.37 26.28 0.66
N PHE D 33 7.24 26.94 0.93
CA PHE D 33 5.90 26.39 0.61
C PHE D 33 5.06 27.21 -0.38
N THR D 34 4.39 26.49 -1.27
CA THR D 34 3.36 27.05 -2.15
C THR D 34 2.03 26.37 -1.80
N LEU D 35 1.19 27.09 -1.06
CA LEU D 35 -0.11 26.58 -0.64
C LEU D 35 -1.16 26.66 -1.77
N GLN D 36 -1.66 25.49 -2.16
CA GLN D 36 -2.56 25.35 -3.31
C GLN D 36 -4.04 25.33 -2.88
N ASP D 37 -4.33 24.72 -1.73
CA ASP D 37 -5.70 24.57 -1.27
C ASP D 37 -5.78 24.12 0.19
N ILE D 38 -6.71 24.70 0.93
CA ILE D 38 -7.23 24.06 2.13
C ILE D 38 -8.44 23.24 1.68
N VAL D 39 -8.22 21.92 1.61
CA VAL D 39 -9.18 20.98 1.08
C VAL D 39 -10.35 20.71 2.04
N LYS D 40 -10.00 20.35 3.27
CA LYS D 40 -10.98 19.86 4.22
C LYS D 40 -10.71 20.32 5.65
N VAL D 41 -11.80 20.66 6.33
CA VAL D 41 -11.79 20.98 7.75
C VAL D 41 -12.62 19.92 8.47
N ASP D 42 -12.15 19.47 9.62
CA ASP D 42 -12.95 18.56 10.45
C ASP D 42 -13.01 19.08 11.88
N SER D 43 -14.20 19.47 12.29
CA SER D 43 -14.41 20.05 13.60
C SER D 43 -14.71 19.01 14.66
N SER D 44 -15.02 17.78 14.24
CA SER D 44 -15.32 16.72 15.19
C SER D 44 -14.02 16.14 15.76
N THR D 45 -13.08 15.82 14.87
CA THR D 45 -11.70 15.60 15.26
C THR D 45 -11.10 17.01 15.25
N ASN D 46 -9.81 17.19 15.42
CA ASN D 46 -9.32 18.53 15.09
C ASN D 46 -8.25 18.45 14.00
N GLU D 47 -8.73 18.11 12.81
CA GLU D 47 -7.89 17.97 11.63
C GLU D 47 -8.28 18.95 10.54
N VAL D 48 -7.25 19.42 9.84
CA VAL D 48 -7.41 20.29 8.67
C VAL D 48 -6.42 19.74 7.64
N ASP D 49 -6.88 19.59 6.40
CA ASP D 49 -6.08 19.00 5.31
C ASP D 49 -5.55 20.08 4.39
N LEU D 50 -4.26 19.98 4.04
CA LEU D 50 -3.64 20.95 3.12
C LEU D 50 -2.97 20.33 1.90
N VAL D 51 -3.10 21.01 0.75
CA VAL D 51 -2.35 20.66 -0.45
C VAL D 51 -1.36 21.78 -0.76
N TYR D 52 -0.07 21.49 -0.61
CA TYR D 52 1.00 22.46 -0.84
C TYR D 52 2.07 21.78 -1.68
N TYR D 53 2.97 22.60 -2.22
CA TYR D 53 4.23 22.15 -2.82
C TYR D 53 5.37 22.51 -1.87
N GLU D 54 6.25 21.55 -1.60
CA GLU D 54 7.36 21.76 -0.66
C GLU D 54 8.70 21.85 -1.39
N GLN D 55 9.22 23.05 -1.53
CA GLN D 55 10.49 23.29 -2.18
C GLN D 55 11.66 23.12 -1.18
N GLN D 56 12.57 22.18 -1.50
CA GLN D 56 13.76 21.91 -0.68
C GLN D 56 15.05 22.08 -1.46
N ARG D 57 16.02 22.79 -0.86
CA ARG D 57 17.33 22.99 -1.48
C ARG D 57 18.44 22.67 -0.51
N TRP D 58 19.46 22.01 -1.03
CA TRP D 58 20.71 21.70 -0.33
C TRP D 58 21.83 21.48 -1.36
N LYS D 59 23.08 21.46 -0.89
CA LYS D 59 24.21 21.27 -1.78
C LYS D 59 25.18 20.25 -1.19
N LEU D 60 25.61 19.30 -2.02
CA LEU D 60 26.55 18.31 -1.59
C LEU D 60 27.83 18.36 -2.42
N ASN D 61 28.98 18.32 -1.75
CA ASN D 61 30.27 18.21 -2.46
C ASN D 61 30.43 16.94 -3.31
N SER D 62 29.87 15.84 -2.83
CA SER D 62 29.94 14.56 -3.55
C SER D 62 29.09 14.51 -4.82
N LEU D 63 28.34 15.59 -5.08
CA LEU D 63 27.47 15.64 -6.24
C LEU D 63 28.01 16.54 -7.34
N MET D 64 29.19 17.11 -7.07
CA MET D 64 29.89 18.01 -7.99
C MET D 64 30.45 17.30 -9.22
N TRP D 65 30.56 18.06 -10.32
CA TRP D 65 31.22 17.58 -11.53
C TRP D 65 31.69 18.72 -12.45
N ASP D 66 32.52 18.36 -13.43
CA ASP D 66 33.10 19.29 -14.38
C ASP D 66 32.35 19.16 -15.71
N PRO D 67 31.51 20.13 -16.04
CA PRO D 67 30.69 20.06 -17.25
C PRO D 67 31.55 19.79 -18.49
N ASN D 68 32.81 20.23 -18.45
CA ASN D 68 33.74 19.99 -19.55
C ASN D 68 34.12 18.52 -19.71
N GLU D 69 33.96 17.75 -18.64
CA GLU D 69 34.25 16.33 -18.64
C GLU D 69 33.03 15.51 -19.10
N TYR D 70 31.88 16.18 -19.24
CA TYR D 70 30.62 15.51 -19.58
C TYR D 70 29.75 16.24 -20.62
N GLY D 71 30.36 16.57 -21.77
CA GLY D 71 29.66 17.20 -22.90
C GLY D 71 28.92 18.50 -22.59
N ASN D 72 29.44 19.26 -21.61
CA ASN D 72 28.87 20.55 -21.17
C ASN D 72 27.51 20.50 -20.44
N ILE D 73 27.22 19.37 -19.80
CA ILE D 73 26.03 19.23 -18.97
C ILE D 73 26.20 19.95 -17.61
N THR D 74 25.30 20.89 -17.36
CA THR D 74 25.34 21.73 -16.17
C THR D 74 24.36 21.28 -15.09
N ASP D 75 23.31 20.58 -15.53
CA ASP D 75 22.30 20.03 -14.64
C ASP D 75 21.64 18.81 -15.26
N PHE D 76 20.99 18.00 -14.44
CA PHE D 76 20.07 16.97 -14.91
C PHE D 76 18.97 16.69 -13.89
N ARG D 77 17.81 16.24 -14.37
CA ARG D 77 16.78 15.70 -13.47
C ARG D 77 17.00 14.21 -13.22
N THR D 78 16.61 13.75 -12.04
CA THR D 78 16.70 12.34 -11.70
C THR D 78 15.70 12.06 -10.60
N SER D 79 15.33 10.80 -10.45
CA SER D 79 14.42 10.36 -9.41
C SER D 79 15.05 10.60 -8.03
N ALA D 80 14.25 11.13 -7.10
CA ALA D 80 14.72 11.45 -5.76
C ALA D 80 15.31 10.24 -5.00
N ALA D 81 14.94 9.04 -5.45
CA ALA D 81 15.39 7.79 -4.85
C ALA D 81 16.87 7.51 -5.19
N ASP D 82 17.42 8.22 -6.17
CA ASP D 82 18.81 8.06 -6.58
C ASP D 82 19.74 8.80 -5.63
N ILE D 83 19.18 9.68 -4.79
CA ILE D 83 19.99 10.62 -4.02
C ILE D 83 19.58 10.62 -2.57
N TRP D 84 20.49 11.05 -1.70
CA TRP D 84 20.14 11.34 -0.33
C TRP D 84 19.17 12.53 -0.31
N THR D 85 18.12 12.44 0.51
CA THR D 85 17.25 13.59 0.74
C THR D 85 17.06 13.85 2.25
N PRO D 86 16.88 15.13 2.63
CA PRO D 86 16.65 15.50 4.02
C PRO D 86 15.37 14.90 4.60
N ASP D 87 15.38 14.65 5.91
CA ASP D 87 14.23 14.10 6.60
C ASP D 87 13.39 15.19 7.26
N ILE D 88 13.11 16.26 6.51
CA ILE D 88 12.29 17.36 7.00
C ILE D 88 10.88 16.87 7.10
N THR D 89 10.34 16.88 8.31
CA THR D 89 9.05 16.28 8.57
C THR D 89 8.15 17.29 9.27
N ALA D 90 6.85 17.20 9.00
CA ALA D 90 5.86 17.92 9.78
C ALA D 90 5.75 17.22 11.12
N TYR D 91 5.84 18.00 12.19
CA TYR D 91 5.91 17.48 13.55
C TYR D 91 4.56 17.05 14.16
N SER D 92 3.46 17.56 13.63
CA SER D 92 2.15 17.29 14.21
C SER D 92 1.14 16.81 13.17
N SER D 93 1.59 15.98 12.23
CA SER D 93 0.67 15.34 11.29
C SER D 93 -0.25 14.34 12.01
N THR D 94 -1.36 13.95 11.37
CA THR D 94 -2.31 13.02 12.00
C THR D 94 -2.57 11.79 11.16
N ARG D 95 -2.03 11.79 9.94
CA ARG D 95 -2.14 10.68 9.00
C ARG D 95 -0.85 10.73 8.19
N PRO D 96 -0.43 9.60 7.61
CA PRO D 96 0.70 9.61 6.65
C PRO D 96 0.49 10.65 5.55
N VAL D 97 1.50 11.48 5.32
CA VAL D 97 1.49 12.45 4.21
C VAL D 97 1.34 11.72 2.87
N GLN D 98 0.56 12.29 1.95
CA GLN D 98 0.34 11.68 0.65
C GLN D 98 0.97 12.50 -0.49
N VAL D 99 1.80 11.82 -1.29
CA VAL D 99 2.53 12.43 -2.40
C VAL D 99 1.62 12.58 -3.61
N LEU D 100 1.63 13.78 -4.19
CA LEU D 100 0.65 14.12 -5.24
C LEU D 100 1.32 14.29 -6.58
N SER D 101 2.64 14.20 -6.61
CA SER D 101 3.45 14.51 -7.79
C SER D 101 4.57 13.47 -7.97
N PRO D 102 5.19 13.42 -9.16
CA PRO D 102 6.40 12.63 -9.36
C PRO D 102 7.49 13.04 -8.34
N GLN D 103 8.32 12.09 -7.93
CA GLN D 103 9.43 12.41 -7.02
C GLN D 103 10.79 12.45 -7.73
N ILE D 104 11.05 13.59 -8.37
CA ILE D 104 12.22 13.79 -9.22
C ILE D 104 12.90 15.10 -8.80
N ALA D 105 14.22 15.08 -8.66
CA ALA D 105 14.97 16.27 -8.28
C ALA D 105 15.87 16.76 -9.41
N VAL D 106 16.34 18.00 -9.32
CA VAL D 106 17.37 18.50 -10.23
C VAL D 106 18.69 18.57 -9.47
N VAL D 107 19.77 18.13 -10.12
CA VAL D 107 21.12 18.24 -9.59
C VAL D 107 21.92 19.08 -10.56
N THR D 108 22.65 20.06 -10.02
CA THR D 108 23.46 20.98 -10.80
C THR D 108 24.92 20.67 -10.54
N HIS D 109 25.79 21.04 -11.48
CA HIS D 109 27.20 20.62 -11.42
C HIS D 109 27.97 21.06 -10.18
N ASP D 110 27.53 22.15 -9.54
CA ASP D 110 28.15 22.60 -8.31
C ASP D 110 27.69 21.75 -7.11
N GLY D 111 26.81 20.80 -7.37
CA GLY D 111 26.35 19.89 -6.34
C GLY D 111 25.10 20.34 -5.64
N SER D 112 24.50 21.45 -6.11
CA SER D 112 23.21 21.91 -5.57
C SER D 112 22.04 21.06 -6.07
N VAL D 113 21.04 20.88 -5.21
CA VAL D 113 19.87 20.05 -5.49
C VAL D 113 18.61 20.83 -5.19
N MET D 114 17.60 20.67 -6.03
CA MET D 114 16.26 21.18 -5.74
C MET D 114 15.20 20.11 -5.99
N PHE D 115 14.30 19.99 -5.02
CA PHE D 115 13.31 18.94 -5.01
C PHE D 115 11.98 19.56 -4.54
N ILE D 116 10.93 19.40 -5.35
CA ILE D 116 9.62 20.01 -5.06
C ILE D 116 8.43 19.04 -5.12
N PRO D 117 8.25 18.23 -4.09
CA PRO D 117 7.08 17.35 -4.03
C PRO D 117 5.78 18.07 -3.62
N ALA D 118 4.71 17.82 -4.38
CA ALA D 118 3.35 18.19 -3.98
C ALA D 118 2.78 17.13 -3.01
N GLN D 119 2.09 17.61 -1.99
CA GLN D 119 1.68 16.76 -0.88
C GLN D 119 0.34 17.20 -0.33
N ARG D 120 -0.41 16.21 0.17
CA ARG D 120 -1.58 16.45 1.00
C ARG D 120 -1.25 16.05 2.43
N LEU D 121 -1.40 17.00 3.35
CA LEU D 121 -1.11 16.80 4.75
C LEU D 121 -2.35 16.96 5.60
N SER D 122 -2.59 16.00 6.50
CA SER D 122 -3.50 16.17 7.63
C SER D 122 -2.69 16.43 8.90
N PHE D 123 -3.11 17.46 9.65
CA PHE D 123 -2.41 17.88 10.87
C PHE D 123 -3.41 18.44 11.89
N MET D 124 -2.88 18.73 13.08
CA MET D 124 -3.67 19.09 14.23
C MET D 124 -4.05 20.56 14.20
N CYS D 125 -5.35 20.81 14.11
CA CYS D 125 -5.87 22.15 13.99
C CYS D 125 -7.35 22.23 14.39
N ASP D 126 -7.63 23.08 15.37
CA ASP D 126 -8.99 23.41 15.79
C ASP D 126 -9.50 24.50 14.83
N PRO D 127 -10.52 24.16 14.05
CA PRO D 127 -11.11 25.10 13.08
C PRO D 127 -12.22 26.01 13.64
N THR D 128 -12.57 25.85 14.92
CA THR D 128 -13.61 26.68 15.55
C THR D 128 -13.38 28.17 15.30
N GLY D 129 -14.36 28.82 14.67
CA GLY D 129 -14.25 30.22 14.26
C GLY D 129 -13.95 30.40 12.78
N VAL D 130 -13.94 29.31 12.01
CA VAL D 130 -13.70 29.35 10.56
C VAL D 130 -14.90 29.95 9.83
N ASP D 131 -16.04 29.96 10.51
CA ASP D 131 -17.27 30.47 9.93
C ASP D 131 -17.42 31.97 10.07
N SER D 132 -16.66 32.57 10.99
CA SER D 132 -16.70 34.00 11.23
C SER D 132 -15.95 34.82 10.18
N GLU D 133 -15.93 36.14 10.38
CA GLU D 133 -15.22 37.05 9.48
C GLU D 133 -13.73 37.16 9.83
N GLU D 134 -13.41 36.83 11.09
CA GLU D 134 -12.03 36.84 11.60
C GLU D 134 -11.33 35.57 11.19
N GLY D 135 -12.10 34.50 10.98
CA GLY D 135 -11.54 33.20 10.62
C GLY D 135 -10.71 32.60 11.73
N VAL D 136 -9.83 31.66 11.37
CA VAL D 136 -9.05 30.91 12.35
C VAL D 136 -7.58 30.75 11.93
N THR D 137 -6.70 30.67 12.92
CA THR D 137 -5.27 30.48 12.69
C THR D 137 -4.85 29.05 13.05
N CYS D 138 -4.05 28.42 12.18
CA CYS D 138 -3.46 27.12 12.47
C CYS D 138 -1.96 27.06 12.14
N ALA D 139 -1.22 26.26 12.89
CA ALA D 139 0.20 26.18 12.72
C ALA D 139 0.72 24.75 12.74
N VAL D 140 1.71 24.47 11.90
CA VAL D 140 2.39 23.19 11.88
C VAL D 140 3.90 23.41 11.70
N LYS D 141 4.68 22.83 12.61
CA LYS D 141 6.14 22.91 12.59
C LYS D 141 6.75 21.81 11.74
N PHE D 142 7.70 22.21 10.90
CA PHE D 142 8.48 21.29 10.05
C PHE D 142 9.95 21.29 10.53
N GLY D 143 10.61 20.14 10.49
CA GLY D 143 12.03 20.07 10.83
C GLY D 143 12.63 18.69 10.59
N SER D 144 13.96 18.59 10.67
CA SER D 144 14.60 17.29 10.57
C SER D 144 14.06 16.34 11.65
N TRP D 145 13.82 15.09 11.27
CA TRP D 145 13.45 14.09 12.27
C TRP D 145 14.61 13.65 13.16
N VAL D 146 15.84 13.62 12.65
CA VAL D 146 16.98 13.16 13.47
C VAL D 146 18.15 14.14 13.71
N TYR D 147 18.31 15.12 12.81
CA TYR D 147 19.46 16.03 12.89
C TYR D 147 19.20 17.32 13.70
N SER D 148 20.16 17.66 14.55
CA SER D 148 20.12 18.89 15.34
C SER D 148 20.57 20.06 14.50
N GLY D 149 20.52 21.26 15.08
CA GLY D 149 21.01 22.49 14.42
C GLY D 149 22.46 22.44 14.00
N PHE D 150 23.27 21.68 14.74
CA PHE D 150 24.68 21.46 14.43
C PHE D 150 24.93 20.58 13.21
N GLU D 151 23.89 19.87 12.76
CA GLU D 151 24.01 18.93 11.63
C GLU D 151 23.19 19.33 10.40
N ILE D 152 21.94 19.72 10.62
CA ILE D 152 21.16 20.40 9.57
C ILE D 152 20.73 21.80 10.04
N ASP D 153 21.16 22.81 9.31
CA ASP D 153 20.66 24.16 9.51
C ASP D 153 19.50 24.38 8.53
N LEU D 154 18.33 24.65 9.08
CA LEU D 154 17.10 24.79 8.31
C LEU D 154 16.89 26.27 8.05
N LYS D 155 16.45 26.63 6.85
CA LYS D 155 16.47 28.01 6.39
C LYS D 155 15.31 28.32 5.44
N THR D 156 14.95 29.60 5.30
CA THR D 156 13.99 30.06 4.30
C THR D 156 14.52 31.29 3.58
N ASP D 157 13.93 31.61 2.42
CA ASP D 157 14.31 32.82 1.68
C ASP D 157 13.33 33.94 1.92
N THR D 158 12.12 33.57 2.34
CA THR D 158 11.08 34.55 2.64
C THR D 158 10.18 33.98 3.72
N ASP D 159 9.62 34.85 4.55
CA ASP D 159 8.63 34.43 5.57
C ASP D 159 7.19 34.39 5.01
N GLN D 160 7.10 34.56 3.69
CA GLN D 160 5.82 34.64 3.02
C GLN D 160 5.57 33.38 2.21
N VAL D 161 4.55 32.64 2.61
CA VAL D 161 4.05 31.53 1.83
C VAL D 161 3.57 32.06 0.48
N ASP D 162 4.08 31.44 -0.57
CA ASP D 162 3.62 31.68 -1.93
C ASP D 162 2.13 31.31 -2.08
N LEU D 163 1.31 32.29 -2.45
CA LEU D 163 -0.16 32.09 -2.54
C LEU D 163 -0.67 32.42 -3.93
N SER D 164 0.25 32.67 -4.85
CA SER D 164 -0.11 33.16 -6.17
C SER D 164 -0.92 32.13 -6.95
N SER D 165 -0.88 30.86 -6.51
CA SER D 165 -1.66 29.84 -7.19
C SER D 165 -2.62 29.08 -6.25
N TYR D 166 -2.95 29.70 -5.12
CA TYR D 166 -4.03 29.18 -4.29
C TYR D 166 -5.31 29.12 -5.11
N TYR D 167 -6.09 28.04 -4.91
CA TYR D 167 -7.29 27.77 -5.67
C TYR D 167 -8.36 28.82 -5.40
N ALA D 168 -8.70 29.58 -6.45
CA ALA D 168 -9.57 30.75 -6.35
C ALA D 168 -11.03 30.42 -5.99
N SER D 169 -11.37 29.13 -6.06
CA SER D 169 -12.73 28.70 -5.76
C SER D 169 -12.81 27.74 -4.56
N SER D 170 -11.72 27.64 -3.81
CA SER D 170 -11.66 26.89 -2.56
C SER D 170 -12.83 27.26 -1.63
N LYS D 171 -13.31 26.29 -0.86
CA LYS D 171 -14.31 26.55 0.19
C LYS D 171 -13.74 27.56 1.18
N TYR D 172 -12.42 27.55 1.33
CA TYR D 172 -11.71 28.42 2.28
C TYR D 172 -10.86 29.50 1.63
N GLU D 173 -10.69 30.58 2.36
CA GLU D 173 -10.11 31.82 1.86
C GLU D 173 -8.87 32.11 2.69
N ILE D 174 -7.79 32.58 2.08
CA ILE D 174 -6.57 32.82 2.86
C ILE D 174 -6.48 34.25 3.33
N LEU D 175 -6.32 34.43 4.64
CA LEU D 175 -6.12 35.73 5.20
C LEU D 175 -4.62 36.02 5.34
N SER D 176 -3.87 35.06 5.88
CA SER D 176 -2.42 35.14 5.84
C SER D 176 -1.77 33.77 5.85
N ALA D 177 -0.60 33.68 5.26
CA ALA D 177 0.17 32.45 5.21
C ALA D 177 1.64 32.76 5.30
N THR D 178 2.25 32.21 6.35
CA THR D 178 3.54 32.64 6.84
C THR D 178 4.42 31.42 7.11
N GLN D 179 5.71 31.54 6.81
CA GLN D 179 6.67 30.48 7.12
C GLN D 179 7.91 31.05 7.83
N THR D 180 8.08 30.73 9.11
CA THR D 180 9.12 31.37 9.94
C THR D 180 10.06 30.41 10.66
N ARG D 181 11.36 30.66 10.49
CA ARG D 181 12.41 29.83 11.06
C ARG D 181 12.66 30.17 12.55
N GLN D 182 12.64 29.15 13.40
CA GLN D 182 12.86 29.29 14.84
C GLN D 182 14.06 28.45 15.33
N VAL D 183 14.83 29.01 16.26
CA VAL D 183 15.93 28.30 16.89
C VAL D 183 15.64 28.25 18.37
N GLN D 184 15.77 27.05 18.95
CA GLN D 184 15.65 26.92 20.39
C GLN D 184 16.70 26.01 21.02
N HIS D 185 16.97 26.26 22.29
CA HIS D 185 17.78 25.40 23.13
C HIS D 185 16.93 24.85 24.26
N TYR D 186 17.27 23.65 24.71
CA TYR D 186 16.64 23.06 25.89
C TYR D 186 17.59 23.13 27.07
N SER D 187 17.02 23.19 28.28
CA SER D 187 17.81 23.40 29.51
C SER D 187 18.97 22.42 29.68
N CYS D 188 18.72 21.18 29.29
CA CYS D 188 19.63 20.06 29.54
C CYS D 188 20.86 20.04 28.67
N CYS D 189 20.74 20.64 27.49
CA CYS D 189 21.52 20.21 26.35
C CYS D 189 22.08 21.41 25.61
N PRO D 190 23.35 21.33 25.23
CA PRO D 190 24.06 22.43 24.56
C PRO D 190 23.72 22.71 23.07
N GLU D 191 23.23 21.72 22.33
CA GLU D 191 23.00 21.87 20.89
C GLU D 191 21.67 22.57 20.52
N PRO D 192 21.66 23.38 19.46
CA PRO D 192 20.45 24.08 19.01
C PRO D 192 19.50 23.20 18.18
N TYR D 193 18.22 23.56 18.20
CA TYR D 193 17.24 22.89 17.35
C TYR D 193 16.40 23.86 16.55
N ILE D 194 16.16 23.50 15.30
CA ILE D 194 15.59 24.42 14.34
C ILE D 194 14.33 23.88 13.65
N ASP D 195 13.39 24.79 13.42
CA ASP D 195 12.20 24.44 12.70
C ASP D 195 11.71 25.63 11.88
N VAL D 196 10.85 25.33 10.92
CA VAL D 196 10.11 26.33 10.17
C VAL D 196 8.64 26.10 10.51
N ASN D 197 8.01 27.17 10.97
CA ASN D 197 6.64 27.18 11.46
C ASN D 197 5.73 27.78 10.37
N LEU D 198 4.81 26.95 9.88
CA LEU D 198 3.84 27.33 8.88
C LEU D 198 2.58 27.75 9.63
N VAL D 199 2.26 29.03 9.57
CA VAL D 199 1.07 29.61 10.24
C VAL D 199 0.10 30.11 9.17
N VAL D 200 -1.11 29.55 9.15
CA VAL D 200 -2.15 29.95 8.19
C VAL D 200 -3.43 30.47 8.88
N LYS D 201 -3.79 31.72 8.57
CA LYS D 201 -5.06 32.31 9.02
C LYS D 201 -6.07 32.27 7.86
N PHE D 202 -7.26 31.72 8.08
CA PHE D 202 -8.19 31.46 6.97
C PHE D 202 -9.66 31.41 7.40
N ARG D 203 -10.57 31.49 6.44
CA ARG D 203 -12.01 31.41 6.73
C ARG D 203 -12.84 30.81 5.58
N GLU D 204 -14.09 30.49 5.86
CA GLU D 204 -15.03 30.03 4.84
C GLU D 204 -15.32 31.17 3.84
N ARG D 205 -15.43 30.82 2.56
CA ARG D 205 -15.64 31.80 1.50
C ARG D 205 -17.11 32.22 1.43
N GLN E 1 31.75 12.23 4.70
CA GLN E 1 32.98 11.57 5.23
C GLN E 1 33.13 10.13 4.72
N ALA E 2 34.34 9.81 4.26
CA ALA E 2 34.68 8.49 3.74
C ALA E 2 34.69 7.40 4.82
N ASN E 3 35.05 7.76 6.04
CA ASN E 3 35.16 6.82 7.17
C ASN E 3 33.82 6.21 7.58
N LEU E 4 32.79 7.04 7.61
CA LEU E 4 31.44 6.62 7.97
C LEU E 4 30.91 5.59 6.97
N MET E 5 31.00 5.92 5.68
CA MET E 5 30.58 5.04 4.58
C MET E 5 31.18 3.63 4.67
N ARG E 6 32.43 3.54 5.12
CA ARG E 6 33.09 2.24 5.20
C ARG E 6 32.70 1.50 6.48
N LEU E 7 32.30 2.23 7.52
CA LEU E 7 31.78 1.63 8.77
C LEU E 7 30.39 1.02 8.59
N LYS E 8 29.49 1.79 7.97
CA LYS E 8 28.16 1.31 7.59
C LYS E 8 28.25 0.14 6.62
N SER E 9 29.32 0.15 5.80
CA SER E 9 29.61 -0.96 4.91
C SER E 9 30.21 -2.16 5.67
N ASP E 10 31.09 -1.88 6.62
CA ASP E 10 31.76 -2.93 7.41
C ASP E 10 30.82 -3.85 8.18
N LEU E 11 29.77 -3.29 8.79
CA LEU E 11 28.84 -4.11 9.59
C LEU E 11 27.49 -4.46 8.95
N PHE E 12 27.05 -3.67 7.96
CA PHE E 12 25.80 -3.98 7.24
C PHE E 12 26.02 -4.81 5.97
N ASN E 13 27.26 -4.81 5.47
CA ASN E 13 27.64 -5.60 4.31
C ASN E 13 28.57 -6.76 4.68
N ARG E 14 28.53 -7.14 5.97
CA ARG E 14 29.17 -8.37 6.45
C ARG E 14 28.12 -9.49 6.54
N SER E 15 28.54 -10.70 6.18
CA SER E 15 27.68 -11.91 6.08
C SER E 15 26.24 -11.87 6.64
N PRO E 16 26.05 -11.91 7.97
CA PRO E 16 24.71 -12.09 8.55
C PRO E 16 24.05 -10.82 9.12
N MET E 17 22.81 -10.96 9.60
CA MET E 17 22.18 -9.98 10.48
C MET E 17 21.95 -10.63 11.85
N TYR E 18 21.65 -9.80 12.86
CA TYR E 18 21.39 -10.29 14.20
C TYR E 18 20.09 -11.11 14.21
N PRO E 19 20.19 -12.37 14.62
CA PRO E 19 19.04 -13.29 14.66
C PRO E 19 18.01 -13.05 15.78
N GLY E 20 18.18 -11.99 16.58
CA GLY E 20 17.33 -11.73 17.73
C GLY E 20 17.88 -12.37 19.00
N PRO E 21 17.30 -12.01 20.15
CA PRO E 21 17.79 -12.50 21.44
C PRO E 21 17.43 -13.95 21.75
N THR E 22 18.25 -14.60 22.56
CA THR E 22 17.96 -15.93 23.10
C THR E 22 18.05 -15.85 24.62
N LYS E 23 17.79 -16.96 25.29
CA LYS E 23 17.85 -17.03 26.75
C LYS E 23 19.29 -16.81 27.23
N ASP E 24 20.25 -17.35 26.50
CA ASP E 24 21.68 -17.16 26.77
C ASP E 24 22.17 -15.77 26.34
N ASP E 25 21.50 -15.19 25.35
CA ASP E 25 21.83 -13.86 24.86
C ASP E 25 20.64 -12.91 25.05
N PRO E 26 20.30 -12.58 26.30
CA PRO E 26 19.11 -11.79 26.58
C PRO E 26 19.27 -10.32 26.20
N LEU E 27 18.17 -9.57 26.24
CA LEU E 27 18.15 -8.19 25.78
C LEU E 27 17.21 -7.33 26.62
N THR E 28 17.63 -6.10 26.91
CA THR E 28 16.74 -5.12 27.56
C THR E 28 16.31 -4.00 26.60
N VAL E 29 15.01 -3.87 26.40
CA VAL E 29 14.44 -2.79 25.61
C VAL E 29 13.78 -1.78 26.55
N THR E 30 14.11 -0.50 26.38
CA THR E 30 13.53 0.57 27.18
C THR E 30 12.57 1.38 26.33
N LEU E 31 11.38 1.59 26.88
CA LEU E 31 10.24 2.14 26.15
C LEU E 31 9.69 3.42 26.78
N GLY E 32 9.36 4.41 25.96
CA GLY E 32 8.81 5.67 26.44
C GLY E 32 7.89 6.32 25.43
N PHE E 33 6.75 6.83 25.88
CA PHE E 33 5.79 7.47 24.97
C PHE E 33 5.68 8.97 25.18
N THR E 34 5.56 9.67 24.06
CA THR E 34 5.17 11.09 24.03
C THR E 34 3.80 11.17 23.37
N LEU E 35 2.77 11.60 24.12
CA LEU E 35 1.42 11.67 23.55
C LEU E 35 1.13 13.05 22.99
N GLN E 36 0.79 13.09 21.70
CA GLN E 36 0.54 14.33 20.96
C GLN E 36 -0.93 14.73 20.91
N ASP E 37 -1.82 13.75 20.79
CA ASP E 37 -3.23 14.02 20.69
C ASP E 37 -4.08 12.76 20.73
N ILE E 38 -5.29 12.90 21.27
CA ILE E 38 -6.36 11.92 21.07
C ILE E 38 -7.19 12.49 19.94
N VAL E 39 -7.06 11.87 18.77
CA VAL E 39 -7.58 12.41 17.52
C VAL E 39 -9.07 12.10 17.30
N LYS E 40 -9.44 10.83 17.49
CA LYS E 40 -10.80 10.38 17.26
C LYS E 40 -11.31 9.50 18.39
N VAL E 41 -12.57 9.66 18.73
CA VAL E 41 -13.27 8.83 19.71
C VAL E 41 -14.57 8.37 19.04
N ASP E 42 -14.79 7.06 18.98
CA ASP E 42 -15.96 6.49 18.30
C ASP E 42 -16.75 5.66 19.30
N SER E 43 -18.00 6.07 19.57
CA SER E 43 -18.84 5.40 20.54
C SER E 43 -19.69 4.27 19.96
N SER E 44 -19.89 4.29 18.63
CA SER E 44 -20.68 3.26 17.94
C SER E 44 -19.89 1.95 17.71
N THR E 45 -18.59 2.11 17.47
CA THR E 45 -17.63 1.03 17.64
C THR E 45 -16.97 1.45 18.94
N ASN E 46 -16.20 0.59 19.60
CA ASN E 46 -15.48 1.11 20.77
C ASN E 46 -13.99 1.29 20.51
N GLU E 47 -13.69 2.28 19.66
CA GLU E 47 -12.34 2.56 19.21
C GLU E 47 -11.98 4.01 19.52
N VAL E 48 -10.71 4.22 19.86
CA VAL E 48 -10.17 5.55 20.13
C VAL E 48 -8.84 5.64 19.39
N ASP E 49 -8.51 6.81 18.84
CA ASP E 49 -7.27 7.01 18.09
C ASP E 49 -6.30 7.97 18.79
N LEU E 50 -5.06 7.51 18.93
CA LEU E 50 -3.97 8.27 19.53
C LEU E 50 -2.92 8.58 18.48
N VAL E 51 -2.36 9.78 18.52
CA VAL E 51 -1.08 10.10 17.86
C VAL E 51 0.00 10.36 18.93
N TYR E 52 1.11 9.63 18.81
CA TYR E 52 2.17 9.69 19.79
C TYR E 52 3.52 9.38 19.16
N TYR E 53 4.60 9.70 19.90
CA TYR E 53 5.95 9.21 19.57
C TYR E 53 6.31 8.08 20.51
N GLU E 54 6.94 7.04 19.94
CA GLU E 54 7.34 5.86 20.69
C GLU E 54 8.86 5.68 20.69
N GLN E 55 9.48 5.96 21.83
CA GLN E 55 10.91 5.80 21.96
C GLN E 55 11.25 4.37 22.39
N GLN E 56 12.16 3.76 21.63
CA GLN E 56 12.71 2.42 21.90
C GLN E 56 14.23 2.43 21.89
N ARG E 57 14.84 1.76 22.87
CA ARG E 57 16.30 1.56 22.90
C ARG E 57 16.73 0.21 23.48
N TRP E 58 17.90 -0.24 23.01
CA TRP E 58 18.47 -1.54 23.34
C TRP E 58 19.97 -1.50 23.00
N LYS E 59 20.65 -2.62 23.12
CA LYS E 59 22.12 -2.71 22.97
C LYS E 59 22.56 -4.07 22.43
N LEU E 60 23.30 -4.06 21.32
CA LEU E 60 23.85 -5.31 20.75
C LEU E 60 25.38 -5.33 20.73
N ASN E 61 25.96 -6.37 21.35
CA ASN E 61 27.40 -6.63 21.26
C ASN E 61 27.87 -6.61 19.81
N SER E 62 27.02 -7.13 18.92
CA SER E 62 27.31 -7.28 17.50
C SER E 62 27.37 -5.97 16.72
N LEU E 63 26.97 -4.86 17.35
CA LEU E 63 27.03 -3.55 16.72
C LEU E 63 28.11 -2.67 17.34
N MET E 64 29.12 -3.29 17.95
CA MET E 64 30.20 -2.54 18.59
C MET E 64 31.35 -2.30 17.63
N TRP E 65 32.07 -1.20 17.86
CA TRP E 65 33.33 -0.93 17.18
C TRP E 65 34.23 -0.07 18.05
N ASP E 66 35.51 -0.04 17.71
CA ASP E 66 36.46 0.83 18.36
C ASP E 66 36.54 2.12 17.54
N PRO E 67 36.12 3.24 18.14
CA PRO E 67 36.13 4.55 17.44
C PRO E 67 37.47 4.88 16.76
N ASN E 68 38.57 4.47 17.38
CA ASN E 68 39.93 4.72 16.86
C ASN E 68 40.21 4.16 15.46
N GLU E 69 39.67 2.97 15.19
CA GLU E 69 39.87 2.31 13.89
C GLU E 69 38.88 2.83 12.84
N TYR E 70 38.16 3.90 13.19
CA TYR E 70 37.18 4.51 12.30
C TYR E 70 37.13 6.03 12.43
N GLY E 71 38.30 6.66 12.49
CA GLY E 71 38.40 8.12 12.52
C GLY E 71 37.71 8.81 13.68
N ASN E 72 37.72 8.17 14.85
CA ASN E 72 37.16 8.73 16.09
C ASN E 72 35.61 8.83 16.09
N ILE E 73 34.97 8.09 15.20
CA ILE E 73 33.50 8.07 15.11
C ILE E 73 32.89 7.25 16.24
N THR E 74 31.97 7.89 16.97
CA THR E 74 31.38 7.32 18.17
C THR E 74 29.98 6.77 17.95
N ASP E 75 29.30 7.25 16.90
CA ASP E 75 27.90 6.91 16.60
C ASP E 75 27.50 7.32 15.17
N PHE E 76 26.32 6.86 14.72
CA PHE E 76 25.77 7.26 13.43
C PHE E 76 24.27 7.01 13.27
N ARG E 77 23.63 7.78 12.38
CA ARG E 77 22.22 7.59 12.00
C ARG E 77 22.08 6.61 10.84
N THR E 78 21.04 5.80 10.90
CA THR E 78 20.76 4.87 9.80
C THR E 78 19.30 4.51 9.72
N SER E 79 18.84 4.13 8.54
CA SER E 79 17.47 3.69 8.35
C SER E 79 17.21 2.49 9.28
N ALA E 80 16.06 2.49 9.93
CA ALA E 80 15.72 1.44 10.89
C ALA E 80 15.60 0.07 10.22
N ALA E 81 15.32 0.07 8.92
CA ALA E 81 15.26 -1.16 8.13
C ALA E 81 16.65 -1.77 7.94
N ASP E 82 17.68 -1.03 8.33
CA ASP E 82 19.08 -1.46 8.18
C ASP E 82 19.52 -2.33 9.34
N ILE E 83 18.73 -2.33 10.41
CA ILE E 83 19.10 -3.00 11.65
C ILE E 83 17.97 -3.85 12.19
N TRP E 84 18.28 -4.69 13.17
CA TRP E 84 17.30 -5.50 13.88
C TRP E 84 16.53 -4.61 14.84
N THR E 85 15.21 -4.72 14.85
CA THR E 85 14.39 -3.98 15.80
C THR E 85 13.42 -4.88 16.54
N PRO E 86 13.16 -4.55 17.81
CA PRO E 86 12.28 -5.36 18.68
C PRO E 86 10.88 -5.46 18.13
N ASP E 87 10.19 -6.55 18.46
CA ASP E 87 8.81 -6.78 18.02
C ASP E 87 7.78 -6.34 19.06
N ILE E 88 7.97 -5.12 19.59
CA ILE E 88 7.04 -4.57 20.56
C ILE E 88 5.73 -4.17 19.89
N THR E 89 4.64 -4.74 20.40
CA THR E 89 3.32 -4.73 19.77
C THR E 89 2.23 -4.25 20.74
N ALA E 90 1.32 -3.40 20.24
CA ALA E 90 0.09 -3.09 20.97
C ALA E 90 -0.78 -4.33 20.95
N TYR E 91 -1.15 -4.80 22.13
CA TYR E 91 -1.91 -6.04 22.25
C TYR E 91 -3.41 -5.88 21.95
N SER E 92 -3.89 -4.66 21.78
CA SER E 92 -5.34 -4.43 21.59
C SER E 92 -5.71 -3.36 20.56
N SER E 93 -4.85 -3.21 19.55
CA SER E 93 -5.16 -2.42 18.35
C SER E 93 -6.32 -3.02 17.54
N THR E 94 -6.99 -2.18 16.77
CA THR E 94 -8.12 -2.62 15.97
C THR E 94 -7.83 -2.40 14.49
N ARG E 95 -6.71 -1.74 14.22
CA ARG E 95 -6.24 -1.45 12.86
C ARG E 95 -4.72 -1.48 12.87
N PRO E 96 -4.08 -1.73 11.73
CA PRO E 96 -2.62 -1.62 11.63
C PRO E 96 -2.15 -0.20 11.99
N VAL E 97 -1.13 -0.08 12.84
CA VAL E 97 -0.65 1.24 13.23
C VAL E 97 -0.02 1.99 12.06
N GLN E 98 -0.35 3.27 11.94
CA GLN E 98 0.19 4.09 10.87
C GLN E 98 1.46 4.82 11.34
N VAL E 99 2.43 4.91 10.44
CA VAL E 99 3.72 5.53 10.70
C VAL E 99 3.67 6.95 10.13
N LEU E 100 3.91 7.93 10.98
CA LEU E 100 3.68 9.33 10.63
C LEU E 100 4.99 10.07 10.47
N SER E 101 6.09 9.33 10.33
CA SER E 101 7.43 9.93 10.27
C SER E 101 8.46 9.02 9.61
N PRO E 102 9.67 9.55 9.35
CA PRO E 102 10.83 8.73 9.10
C PRO E 102 11.10 7.74 10.25
N GLN E 103 11.59 6.57 9.88
CA GLN E 103 12.04 5.57 10.85
C GLN E 103 13.57 5.47 10.68
N ILE E 104 14.26 6.20 11.53
CA ILE E 104 15.71 6.36 11.49
C ILE E 104 16.24 6.17 12.91
N ALA E 105 17.30 5.37 13.04
CA ALA E 105 17.91 5.09 14.35
C ALA E 105 19.30 5.70 14.51
N VAL E 106 19.68 5.96 15.76
CA VAL E 106 21.08 6.28 16.09
C VAL E 106 21.75 5.03 16.63
N VAL E 107 22.91 4.70 16.06
CA VAL E 107 23.72 3.57 16.53
C VAL E 107 25.05 4.05 17.10
N THR E 108 25.41 3.53 18.28
CA THR E 108 26.58 3.96 19.07
C THR E 108 27.64 2.86 19.14
N HIS E 109 28.91 3.27 19.29
CA HIS E 109 30.06 2.35 19.32
C HIS E 109 30.02 1.26 20.41
N ASP E 110 29.27 1.52 21.49
CA ASP E 110 29.07 0.54 22.56
C ASP E 110 28.00 -0.50 22.19
N GLY E 111 27.44 -0.37 20.99
CA GLY E 111 26.42 -1.31 20.54
C GLY E 111 25.00 -0.91 20.86
N SER E 112 24.81 0.32 21.33
CA SER E 112 23.46 0.79 21.67
C SER E 112 22.72 1.44 20.50
N VAL E 113 21.40 1.25 20.51
CA VAL E 113 20.51 1.71 19.46
C VAL E 113 19.35 2.47 20.06
N MET E 114 18.92 3.56 19.41
CA MET E 114 17.74 4.32 19.80
C MET E 114 16.93 4.77 18.58
N PHE E 115 15.65 5.05 18.80
CA PHE E 115 14.62 4.98 17.76
C PHE E 115 13.32 5.66 18.22
N ILE E 116 12.88 6.74 17.55
CA ILE E 116 11.58 7.42 17.88
C ILE E 116 10.68 7.78 16.70
N PRO E 117 9.97 6.82 16.13
CA PRO E 117 8.96 7.13 15.11
C PRO E 117 7.65 7.69 15.67
N ALA E 118 6.98 8.50 14.86
CA ALA E 118 5.64 8.99 15.16
C ALA E 118 4.61 7.98 14.67
N GLN E 119 3.52 7.85 15.40
CA GLN E 119 2.57 6.80 15.11
C GLN E 119 1.14 7.16 15.40
N ARG E 120 0.22 6.61 14.59
CA ARG E 120 -1.23 6.66 14.87
C ARG E 120 -1.73 5.26 15.18
N LEU E 121 -2.39 5.12 16.31
CA LEU E 121 -2.93 3.84 16.75
C LEU E 121 -4.44 3.88 17.02
N SER E 122 -5.18 2.97 16.40
CA SER E 122 -6.56 2.69 16.79
C SER E 122 -6.63 1.51 17.76
N PHE E 123 -7.30 1.69 18.89
CA PHE E 123 -7.37 0.62 19.87
C PHE E 123 -8.70 0.55 20.61
N MET E 124 -8.92 -0.57 21.28
CA MET E 124 -10.19 -0.85 21.96
C MET E 124 -10.40 0.05 23.17
N CYS E 125 -11.38 0.94 23.07
CA CYS E 125 -11.78 1.75 24.20
C CYS E 125 -13.25 2.15 24.21
N ASP E 126 -13.92 1.86 25.33
CA ASP E 126 -15.26 2.33 25.59
C ASP E 126 -15.16 3.73 26.19
N PRO E 127 -15.55 4.74 25.41
CA PRO E 127 -15.35 6.13 25.80
C PRO E 127 -16.52 6.72 26.59
N THR E 128 -17.51 5.89 26.95
CA THR E 128 -18.68 6.35 27.71
C THR E 128 -18.23 7.13 28.94
N GLY E 129 -18.77 8.34 29.07
CA GLY E 129 -18.42 9.25 30.19
C GLY E 129 -17.37 10.29 29.84
N VAL E 130 -17.06 10.40 28.55
CA VAL E 130 -16.04 11.34 28.07
C VAL E 130 -16.53 12.79 28.18
N ASP E 131 -17.82 12.99 27.96
CA ASP E 131 -18.45 14.31 28.08
C ASP E 131 -18.58 14.74 29.54
N SER E 132 -18.54 13.77 30.45
CA SER E 132 -18.69 14.04 31.89
C SER E 132 -17.43 14.67 32.49
N GLU E 133 -17.57 15.19 33.70
CA GLU E 133 -16.49 15.91 34.39
C GLU E 133 -15.38 15.00 34.89
N GLU E 134 -15.75 13.81 35.38
CA GLU E 134 -14.77 12.83 35.85
C GLU E 134 -14.00 12.17 34.70
N GLY E 135 -14.57 12.26 33.50
CA GLY E 135 -13.96 11.72 32.28
C GLY E 135 -14.01 10.21 32.14
N VAL E 136 -13.10 9.68 31.34
CA VAL E 136 -13.02 8.24 31.03
C VAL E 136 -11.56 7.77 30.94
N THR E 137 -11.35 6.46 31.14
CA THR E 137 -10.03 5.85 31.16
C THR E 137 -9.92 4.74 30.12
N CYS E 138 -8.90 4.84 29.26
CA CYS E 138 -8.53 3.77 28.34
C CYS E 138 -7.17 3.24 28.72
N ALA E 139 -6.91 1.98 28.36
CA ALA E 139 -5.62 1.36 28.60
C ALA E 139 -5.27 0.46 27.42
N VAL E 140 -3.99 0.35 27.12
CA VAL E 140 -3.50 -0.57 26.08
C VAL E 140 -2.15 -1.10 26.51
N LYS E 141 -2.00 -2.42 26.46
CA LYS E 141 -0.71 -3.05 26.75
C LYS E 141 0.17 -3.08 25.51
N PHE E 142 1.47 -2.90 25.73
CA PHE E 142 2.50 -3.10 24.71
C PHE E 142 3.46 -4.19 25.17
N GLY E 143 3.90 -5.04 24.25
CA GLY E 143 4.86 -6.08 24.60
C GLY E 143 5.38 -6.83 23.37
N SER E 144 6.46 -7.58 23.57
CA SER E 144 6.99 -8.44 22.53
C SER E 144 5.93 -9.43 22.16
N TRP E 145 5.81 -9.69 20.86
CA TRP E 145 4.86 -10.68 20.38
C TRP E 145 5.37 -12.13 20.51
N VAL E 146 6.69 -12.33 20.52
CA VAL E 146 7.24 -13.71 20.51
C VAL E 146 8.24 -14.05 21.61
N TYR E 147 8.72 -13.03 22.34
CA TYR E 147 9.76 -13.23 23.35
C TYR E 147 9.27 -13.17 24.78
N SER E 148 9.75 -14.11 25.60
CA SER E 148 9.50 -14.11 27.01
C SER E 148 10.40 -13.09 27.69
N GLY E 149 10.11 -12.83 28.98
CA GLY E 149 10.88 -11.89 29.80
C GLY E 149 12.33 -12.28 30.03
N PHE E 150 12.61 -13.56 29.91
CA PHE E 150 13.98 -14.08 29.94
C PHE E 150 14.73 -13.81 28.63
N GLU E 151 14.03 -13.34 27.61
CA GLU E 151 14.62 -13.09 26.30
C GLU E 151 14.68 -11.60 25.93
N ILE E 152 13.55 -10.91 26.08
CA ILE E 152 13.53 -9.45 26.02
C ILE E 152 13.02 -8.93 27.35
N ASP E 153 13.89 -8.31 28.13
CA ASP E 153 13.44 -7.57 29.30
C ASP E 153 12.85 -6.26 28.78
N LEU E 154 11.70 -5.89 29.31
CA LEU E 154 11.02 -4.68 28.87
C LEU E 154 10.88 -3.72 30.05
N LYS E 155 11.32 -2.48 29.84
CA LYS E 155 11.53 -1.52 30.90
C LYS E 155 11.10 -0.10 30.49
N THR E 156 10.86 0.76 31.47
CA THR E 156 10.70 2.20 31.25
C THR E 156 11.63 2.96 32.19
N ASP E 157 12.04 4.17 31.79
CA ASP E 157 12.86 5.05 32.64
C ASP E 157 12.01 5.76 33.69
N THR E 158 10.78 6.07 33.31
CA THR E 158 9.79 6.72 34.16
C THR E 158 8.44 6.15 33.78
N ASP E 159 7.45 6.25 34.66
CA ASP E 159 6.11 5.89 34.22
C ASP E 159 5.16 7.05 34.00
N GLN E 160 5.74 8.25 33.86
CA GLN E 160 5.01 9.41 33.39
C GLN E 160 5.17 9.53 31.89
N VAL E 161 4.06 9.40 31.18
CA VAL E 161 4.02 9.68 29.75
C VAL E 161 4.35 11.16 29.58
N ASP E 162 5.21 11.45 28.60
CA ASP E 162 5.60 12.83 28.26
C ASP E 162 4.44 13.57 27.57
N LEU E 163 3.99 14.66 28.21
CA LEU E 163 2.82 15.41 27.75
C LEU E 163 3.17 16.82 27.34
N SER E 164 4.46 17.13 27.38
CA SER E 164 4.97 18.47 27.06
C SER E 164 4.67 18.94 25.63
N SER E 165 4.26 18.01 24.77
CA SER E 165 3.88 18.36 23.41
C SER E 165 2.44 17.98 23.08
N TYR E 166 1.64 17.68 24.09
CA TYR E 166 0.26 17.34 23.82
C TYR E 166 -0.40 18.57 23.23
N TYR E 167 -1.11 18.40 22.11
CA TYR E 167 -1.75 19.50 21.38
C TYR E 167 -2.68 20.30 22.29
N ALA E 168 -2.45 21.62 22.35
CA ALA E 168 -3.12 22.50 23.30
C ALA E 168 -4.59 22.72 22.98
N SER E 169 -4.94 22.74 21.69
CA SER E 169 -6.32 22.97 21.28
C SER E 169 -7.06 21.67 20.98
N SER E 170 -6.55 20.58 21.55
CA SER E 170 -7.15 19.26 21.42
C SER E 170 -8.63 19.26 21.86
N LYS E 171 -9.45 18.45 21.19
CA LYS E 171 -10.84 18.24 21.60
C LYS E 171 -10.92 17.61 22.98
N TYR E 172 -9.88 16.88 23.35
CA TYR E 172 -9.86 16.14 24.62
C TYR E 172 -8.73 16.62 25.52
N GLU E 173 -8.98 16.55 26.82
CA GLU E 173 -8.07 17.07 27.82
C GLU E 173 -7.51 15.90 28.63
N ILE E 174 -6.18 15.85 28.83
CA ILE E 174 -5.57 14.76 29.60
C ILE E 174 -5.56 14.99 31.11
N LEU E 175 -6.20 14.08 31.83
CA LEU E 175 -6.23 14.09 33.28
C LEU E 175 -5.01 13.38 33.86
N SER E 176 -4.63 12.26 33.22
CA SER E 176 -3.37 11.57 33.53
C SER E 176 -3.00 10.65 32.39
N ALA E 177 -1.70 10.38 32.27
CA ALA E 177 -1.16 9.52 31.23
C ALA E 177 0.05 8.77 31.78
N THR E 178 -0.06 7.46 31.79
CA THR E 178 0.81 6.59 32.56
C THR E 178 1.35 5.43 31.71
N GLN E 179 2.61 5.06 31.94
CA GLN E 179 3.27 3.97 31.22
C GLN E 179 4.04 3.07 32.16
N THR E 180 3.40 2.02 32.64
CA THR E 180 3.94 1.22 33.74
C THR E 180 4.25 -0.25 33.39
N ARG E 181 5.45 -0.69 33.76
CA ARG E 181 5.94 -2.05 33.48
C ARG E 181 5.28 -3.08 34.39
N GLN E 182 4.68 -4.09 33.76
CA GLN E 182 3.96 -5.13 34.48
C GLN E 182 4.57 -6.50 34.20
N VAL E 183 4.83 -7.24 35.28
CA VAL E 183 5.40 -8.59 35.21
C VAL E 183 4.35 -9.59 35.72
N GLN E 184 4.05 -10.59 34.91
CA GLN E 184 3.14 -11.67 35.33
C GLN E 184 3.71 -13.06 35.02
N HIS E 185 3.33 -14.05 35.84
CA HIS E 185 3.77 -15.43 35.66
C HIS E 185 2.63 -16.41 35.41
N TYR E 186 2.97 -17.66 35.08
CA TYR E 186 1.98 -18.72 34.87
C TYR E 186 2.37 -20.00 35.57
N SER E 187 1.37 -20.69 36.11
CA SER E 187 1.58 -21.93 36.85
C SER E 187 2.33 -22.97 36.02
N CYS E 188 2.06 -23.01 34.73
CA CYS E 188 2.65 -24.01 33.85
C CYS E 188 4.14 -23.76 33.67
N CYS E 189 4.50 -22.48 33.71
CA CYS E 189 5.71 -21.99 33.06
C CYS E 189 6.36 -20.88 33.88
N PRO E 190 7.44 -21.21 34.59
CA PRO E 190 8.09 -20.28 35.50
C PRO E 190 8.69 -18.98 34.90
N GLU E 191 8.77 -18.88 33.56
CA GLU E 191 9.39 -17.71 32.92
C GLU E 191 8.49 -16.45 32.87
N PRO E 192 9.05 -15.28 33.21
CA PRO E 192 8.29 -14.02 33.24
C PRO E 192 7.76 -13.52 31.89
N TYR E 193 6.61 -12.85 31.92
CA TYR E 193 6.09 -12.15 30.73
C TYR E 193 5.77 -10.71 31.07
N ILE E 194 6.32 -9.80 30.27
CA ILE E 194 6.35 -8.39 30.61
C ILE E 194 5.64 -7.53 29.57
N ASP E 195 4.85 -6.59 30.07
CA ASP E 195 4.25 -5.60 29.22
C ASP E 195 4.44 -4.22 29.84
N VAL E 196 4.31 -3.19 29.02
CA VAL E 196 4.18 -1.84 29.51
C VAL E 196 2.74 -1.40 29.24
N ASN E 197 2.03 -1.10 30.32
CA ASN E 197 0.63 -0.72 30.25
C ASN E 197 0.48 0.79 30.09
N LEU E 198 -0.12 1.20 28.97
CA LEU E 198 -0.36 2.61 28.66
C LEU E 198 -1.79 2.98 29.03
N VAL E 199 -1.91 3.80 30.06
CA VAL E 199 -3.20 4.14 30.65
C VAL E 199 -3.41 5.65 30.53
N VAL E 200 -4.39 6.07 29.73
CA VAL E 200 -4.71 7.51 29.65
C VAL E 200 -6.12 7.82 30.14
N LYS E 201 -6.20 8.80 31.04
CA LYS E 201 -7.47 9.32 31.54
C LYS E 201 -7.77 10.68 30.91
N PHE E 202 -8.96 10.82 30.34
CA PHE E 202 -9.31 12.03 29.59
C PHE E 202 -10.81 12.40 29.58
N ARG E 203 -11.09 13.63 29.15
CA ARG E 203 -12.46 14.13 29.04
C ARG E 203 -12.59 15.17 27.93
N GLU E 204 -13.83 15.42 27.50
CA GLU E 204 -14.11 16.43 26.49
C GLU E 204 -13.73 17.81 27.03
N ARG E 205 -12.93 18.56 26.26
CA ARG E 205 -12.30 19.80 26.71
C ARG E 205 -13.26 20.82 27.36
N GLY F 1 -22.55 -26.15 -4.81
CA GLY F 1 -21.77 -27.32 -5.29
C GLY F 1 -20.27 -27.11 -5.34
N CYS F 2 -19.58 -28.01 -6.07
CA CYS F 2 -18.12 -28.08 -6.12
C CYS F 2 -17.47 -26.82 -6.70
N CYS F 3 -17.95 -26.40 -7.85
CA CYS F 3 -17.33 -25.34 -8.60
C CYS F 3 -17.50 -23.94 -7.97
N SER F 4 -18.27 -23.84 -6.89
CA SER F 4 -18.38 -22.59 -6.13
C SER F 4 -17.27 -22.51 -5.10
N LEU F 5 -16.59 -23.64 -4.92
CA LEU F 5 -15.54 -23.75 -3.93
C LEU F 5 -14.23 -23.87 -4.69
N PRO F 6 -13.44 -22.81 -4.66
CA PRO F 6 -12.21 -22.73 -5.41
C PRO F 6 -11.23 -23.92 -5.28
N PRO F 7 -10.97 -24.43 -4.06
CA PRO F 7 -10.07 -25.58 -3.92
C PRO F 7 -10.57 -26.81 -4.66
N CYS F 8 -11.90 -26.96 -4.72
CA CYS F 8 -12.56 -28.03 -5.48
C CYS F 8 -12.50 -27.74 -6.99
N ALA F 9 -12.97 -26.56 -7.38
CA ALA F 9 -12.81 -26.10 -8.75
C ALA F 9 -11.38 -26.33 -9.27
N LEU F 10 -10.37 -25.92 -8.49
CA LEU F 10 -8.97 -26.09 -8.84
C LEU F 10 -8.55 -27.55 -9.03
N ASN F 11 -9.05 -28.42 -8.17
CA ASN F 11 -8.73 -29.83 -8.24
C ASN F 11 -9.48 -30.54 -9.36
N ASN F 12 -10.54 -29.89 -9.84
CA ASN F 12 -11.39 -30.47 -10.88
C ASN F 12 -11.59 -29.56 -12.10
N PRO F 13 -10.50 -29.21 -12.79
CA PRO F 13 -10.56 -28.35 -13.98
C PRO F 13 -11.54 -28.86 -15.04
N LYS F 14 -11.33 -30.08 -15.51
CA LYS F 14 -12.19 -30.66 -16.55
C LYS F 14 -13.67 -30.53 -16.21
N TYR F 15 -14.04 -30.85 -14.97
CA TYR F 15 -15.44 -30.78 -14.54
C TYR F 15 -15.97 -29.35 -14.45
N CYS F 16 -15.10 -28.44 -14.02
CA CYS F 16 -15.51 -27.08 -13.73
C CYS F 16 -15.12 -26.17 -14.88
N GLY G 1 -16.52 4.98 -30.40
CA GLY G 1 -15.90 4.21 -31.52
C GLY G 1 -14.64 3.53 -31.06
N CYS G 2 -13.83 3.05 -32.01
CA CYS G 2 -12.60 2.33 -31.71
C CYS G 2 -11.79 2.96 -30.57
N CYS G 3 -11.63 4.27 -30.65
CA CYS G 3 -10.59 4.95 -29.91
C CYS G 3 -10.93 5.13 -28.45
N SER G 4 -12.19 4.96 -28.09
CA SER G 4 -12.61 5.02 -26.69
C SER G 4 -12.50 3.68 -25.97
N LEU G 5 -12.02 2.67 -26.71
CA LEU G 5 -11.73 1.36 -26.17
C LEU G 5 -10.22 1.14 -26.27
N PRO G 6 -9.52 1.15 -25.14
CA PRO G 6 -8.06 1.02 -25.08
C PRO G 6 -7.41 -0.09 -25.94
N PRO G 7 -7.84 -1.36 -25.84
CA PRO G 7 -7.31 -2.38 -26.74
C PRO G 7 -7.39 -1.97 -28.22
N CYS G 8 -8.41 -1.21 -28.58
CA CYS G 8 -8.58 -0.83 -29.97
C CYS G 8 -7.66 0.34 -30.31
N ALA G 9 -7.64 1.34 -29.44
CA ALA G 9 -6.70 2.43 -29.58
C ALA G 9 -5.26 1.90 -29.68
N LEU G 10 -4.88 0.99 -28.78
CA LEU G 10 -3.51 0.45 -28.76
C LEU G 10 -3.15 -0.29 -30.03
N ASN G 11 -4.12 -1.00 -30.62
CA ASN G 11 -3.91 -1.74 -31.86
C ASN G 11 -3.95 -0.88 -33.13
N ASN G 12 -4.55 0.31 -33.00
CA ASN G 12 -4.62 1.26 -34.11
C ASN G 12 -4.08 2.64 -33.69
N PRO G 13 -2.77 2.71 -33.39
CA PRO G 13 -2.13 3.91 -32.87
C PRO G 13 -2.17 5.14 -33.78
N LYS G 14 -1.91 4.94 -35.07
CA LYS G 14 -1.90 6.04 -36.02
C LYS G 14 -3.29 6.65 -36.24
N TYR G 15 -4.31 5.79 -36.31
CA TYR G 15 -5.71 6.20 -36.40
C TYR G 15 -6.20 6.89 -35.12
N CYS G 16 -5.69 6.43 -33.98
CA CYS G 16 -6.14 6.90 -32.66
C CYS G 16 -5.08 7.73 -31.96
N GLY H 1 4.39 33.62 -10.99
CA GLY H 1 5.63 33.80 -11.79
C GLY H 1 6.33 32.46 -11.91
N CYS H 2 7.45 32.44 -12.62
CA CYS H 2 8.23 31.22 -12.87
C CYS H 2 8.31 30.33 -11.65
N CYS H 3 8.80 30.89 -10.56
CA CYS H 3 9.19 30.14 -9.38
C CYS H 3 8.03 29.52 -8.63
N SER H 4 6.81 29.98 -8.88
CA SER H 4 5.59 29.39 -8.31
C SER H 4 5.21 28.12 -9.04
N LEU H 5 5.83 27.89 -10.21
CA LEU H 5 5.56 26.71 -11.02
C LEU H 5 6.75 25.76 -10.96
N PRO H 6 6.56 24.59 -10.33
CA PRO H 6 7.67 23.66 -10.04
C PRO H 6 8.61 23.27 -11.20
N PRO H 7 8.09 22.95 -12.40
CA PRO H 7 8.99 22.69 -13.53
C PRO H 7 9.86 23.90 -13.92
N CYS H 8 9.33 25.10 -13.75
CA CYS H 8 10.07 26.31 -14.07
C CYS H 8 11.12 26.61 -12.98
N ALA H 9 10.74 26.41 -11.73
CA ALA H 9 11.69 26.46 -10.63
C ALA H 9 12.80 25.40 -10.76
N LEU H 10 12.45 24.18 -11.17
CA LEU H 10 13.47 23.14 -11.42
C LEU H 10 14.35 23.44 -12.64
N ASN H 11 13.82 24.19 -13.59
CA ASN H 11 14.64 24.65 -14.72
C ASN H 11 15.43 25.91 -14.41
N ASN H 12 15.06 26.63 -13.36
CA ASN H 12 15.80 27.81 -12.91
C ASN H 12 16.10 27.82 -11.37
N PRO H 13 16.77 26.77 -10.87
CA PRO H 13 16.91 26.55 -9.43
C PRO H 13 17.71 27.59 -8.62
N LYS H 14 18.83 28.08 -9.15
CA LYS H 14 19.60 29.13 -8.44
C LYS H 14 18.82 30.43 -8.43
N TYR H 15 18.24 30.80 -9.57
CA TYR H 15 17.40 32.00 -9.68
C TYR H 15 16.23 31.94 -8.72
N CYS H 16 15.55 30.81 -8.69
CA CYS H 16 14.47 30.59 -7.75
C CYS H 16 15.02 30.19 -6.37
N GLY I 1 9.56 19.62 26.66
CA GLY I 1 11.03 19.62 26.89
C GLY I 1 11.76 18.87 25.79
N CYS I 2 13.07 18.68 25.97
CA CYS I 2 13.93 18.04 24.96
C CYS I 2 13.41 16.70 24.45
N CYS I 3 12.79 15.92 25.34
CA CYS I 3 12.49 14.53 25.05
C CYS I 3 11.22 14.33 24.23
N SER I 4 10.45 15.40 24.03
CA SER I 4 9.27 15.36 23.17
C SER I 4 9.60 15.87 21.76
N LEU I 5 10.85 16.22 21.55
CA LEU I 5 11.33 16.54 20.22
C LEU I 5 12.24 15.40 19.76
N PRO I 6 11.84 14.74 18.67
CA PRO I 6 12.53 13.52 18.24
C PRO I 6 14.04 13.67 18.01
N PRO I 7 14.50 14.72 17.29
CA PRO I 7 15.95 14.94 17.12
C PRO I 7 16.72 15.24 18.40
N CYS I 8 16.09 15.86 19.39
CA CYS I 8 16.76 16.10 20.65
C CYS I 8 16.84 14.83 21.50
N ALA I 9 15.79 14.02 21.43
CA ALA I 9 15.78 12.75 22.15
C ALA I 9 16.80 11.80 21.52
N LEU I 10 16.95 11.91 20.20
CA LEU I 10 17.93 11.16 19.43
C LEU I 10 19.36 11.50 19.85
N ASN I 11 19.61 12.79 20.14
CA ASN I 11 20.93 13.26 20.51
C ASN I 11 21.21 13.08 21.98
N ASN I 12 20.17 12.76 22.75
CA ASN I 12 20.29 12.57 24.18
C ASN I 12 19.51 11.35 24.65
N PRO I 13 19.81 10.20 24.07
CA PRO I 13 19.02 8.98 24.30
C PRO I 13 18.95 8.47 25.76
N LYS I 14 20.10 8.28 26.41
CA LYS I 14 20.11 7.81 27.80
C LYS I 14 19.44 8.77 28.79
N TYR I 15 19.72 10.06 28.60
CA TYR I 15 19.07 11.13 29.37
C TYR I 15 17.55 11.06 29.22
N CYS I 16 17.10 10.78 28.00
CA CYS I 16 15.68 10.70 27.71
C CYS I 16 15.15 9.32 28.03
N GLY J 1 -4.71 -20.12 29.96
CA GLY J 1 -4.06 -19.04 30.75
C GLY J 1 -2.90 -18.46 29.98
N CYS J 2 -1.74 -19.08 30.14
CA CYS J 2 -0.56 -18.83 29.32
C CYS J 2 -0.93 -18.80 27.84
N CYS J 3 -1.61 -19.86 27.40
CA CYS J 3 -1.91 -20.10 26.00
C CYS J 3 -2.81 -19.05 25.32
N SER J 4 -3.45 -18.19 26.11
CA SER J 4 -4.21 -17.07 25.57
C SER J 4 -3.28 -15.93 25.18
N LEU J 5 -2.07 -15.94 25.73
CA LEU J 5 -1.04 -14.94 25.44
C LEU J 5 -0.05 -15.50 24.39
N PRO J 6 0.01 -14.83 23.23
CA PRO J 6 0.77 -15.33 22.07
C PRO J 6 2.27 -15.59 22.29
N PRO J 7 3.03 -14.66 22.90
CA PRO J 7 4.42 -14.96 23.27
C PRO J 7 4.56 -16.16 24.21
N CYS J 8 3.60 -16.36 25.11
CA CYS J 8 3.65 -17.51 26.04
C CYS J 8 3.23 -18.81 25.37
N ALA J 9 2.22 -18.74 24.51
CA ALA J 9 1.79 -19.89 23.72
C ALA J 9 2.89 -20.35 22.77
N LEU J 10 3.67 -19.38 22.26
CA LEU J 10 4.80 -19.66 21.37
C LEU J 10 5.99 -20.27 22.11
N ASN J 11 6.12 -19.92 23.39
CA ASN J 11 7.22 -20.41 24.22
C ASN J 11 6.90 -21.68 24.96
N ASN J 12 5.77 -22.28 24.61
CA ASN J 12 5.33 -23.55 25.17
C ASN J 12 4.54 -24.32 24.08
N PRO J 13 5.23 -24.58 22.96
CA PRO J 13 4.57 -24.98 21.71
C PRO J 13 3.87 -26.30 21.79
N LYS J 14 4.53 -27.32 22.33
CA LYS J 14 3.92 -28.64 22.51
C LYS J 14 2.77 -28.60 23.51
N TYR J 15 2.98 -27.89 24.62
CA TYR J 15 2.01 -27.76 25.71
C TYR J 15 0.69 -27.08 25.29
N CYS J 16 0.80 -26.03 24.48
CA CYS J 16 -0.37 -25.22 24.14
C CYS J 16 -1.16 -25.71 22.92
#